data_7AG9
#
_entry.id   7AG9
#
_cell.length_a   125.621
_cell.length_b   125.621
_cell.length_c   165.274
_cell.angle_alpha   90.000
_cell.angle_beta   90.000
_cell.angle_gamma   90.000
#
_symmetry.space_group_name_H-M   'P 41'
#
_entity_poly.entity_id   1
_entity_poly.type   'polypeptide(L)'
_entity_poly.pdbx_seq_one_letter_code
;MAHHHHHHSAALEVLFQGPERPLEYEKDDILPMELQNLLPRLEATVTDLKLAHKLDVVKIRQQLQWIHDTIIIIQSTLAN
GLFPSDFKEYQEMHKYMNAILERKVELFKFINCINEVEPVLSHILDLLEEDLSATPKGNVDFDLLFDLIENCTHESNFLT
PNLKQLKECIDAAMEFNEISRDHMDTLDDLINKNVEKCFEIQELKFSSPVRHTPNFTLDQLIKLLSSNNNTTDTMEPKIP
NFSPVEESLSRKFLILKRNIPPIEQSLTEILPQRIEQFCGRNIININLLADFLQLKYKRIMKNFRFMMNEIKDLKIELID
KRWNILFINLNNELEYIIEEVRLLLKKINENDDLAQTIKDRFNSQLAKKSKIITKTFNIIYRALEFSLLDAGIALKTNEL
AKVWVDLRPKSDEILLHIKKFDQSNSSR
;
_entity_poly.pdbx_strand_id   A,B
#
# COMPACT_ATOMS: atom_id res chain seq x y z
N ILE A 30 0.81 -9.48 32.00
CA ILE A 30 -0.24 -10.19 31.23
C ILE A 30 -0.38 -9.54 29.83
N LEU A 31 -1.33 -10.03 29.03
CA LEU A 31 -1.65 -9.47 27.69
C LEU A 31 -3.03 -8.82 27.72
N PRO A 32 -3.15 -7.54 27.31
CA PRO A 32 -4.46 -6.90 27.20
C PRO A 32 -5.34 -7.60 26.16
N MET A 33 -4.72 -8.08 25.07
CA MET A 33 -5.37 -8.85 23.98
C MET A 33 -6.10 -10.06 24.58
N GLU A 34 -5.48 -10.75 25.55
CA GLU A 34 -6.03 -11.94 26.25
C GLU A 34 -7.36 -11.58 26.93
N LEU A 35 -7.46 -10.40 27.56
CA LEU A 35 -8.69 -9.92 28.23
C LEU A 35 -9.82 -9.83 27.18
N GLN A 36 -9.56 -9.16 26.05
CA GLN A 36 -10.52 -9.05 24.92
C GLN A 36 -10.76 -10.45 24.32
N ASN A 37 -9.74 -11.31 24.33
CA ASN A 37 -9.79 -12.67 23.71
C ASN A 37 -10.74 -13.58 24.50
N LEU A 38 -11.25 -13.14 25.66
CA LEU A 38 -12.30 -13.86 26.41
C LEU A 38 -13.56 -14.03 25.55
N LEU A 39 -13.99 -12.98 24.84
CA LEU A 39 -15.34 -12.97 24.18
C LEU A 39 -15.32 -12.40 22.77
N PRO A 40 -14.27 -12.56 21.93
CA PRO A 40 -14.28 -11.97 20.59
C PRO A 40 -15.26 -12.72 19.69
N ARG A 41 -15.30 -14.07 19.81
CA ARG A 41 -16.20 -14.95 19.04
C ARG A 41 -17.65 -14.56 19.32
N LEU A 42 -17.96 -14.26 20.59
CA LEU A 42 -19.33 -13.88 21.04
C LEU A 42 -19.76 -12.62 20.31
N GLU A 43 -18.87 -11.63 20.19
CA GLU A 43 -19.15 -10.33 19.51
C GLU A 43 -19.47 -10.61 18.03
N ALA A 44 -18.67 -11.47 17.38
CA ALA A 44 -18.86 -11.86 15.97
C ALA A 44 -20.19 -12.62 15.84
N THR A 45 -20.41 -13.63 16.69
CA THR A 45 -21.65 -14.43 16.72
C THR A 45 -22.86 -13.49 16.70
N VAL A 46 -22.87 -12.51 17.62
CA VAL A 46 -24.00 -11.56 17.85
C VAL A 46 -24.33 -10.83 16.54
N THR A 47 -23.33 -10.20 15.92
CA THR A 47 -23.48 -9.40 14.68
C THR A 47 -23.90 -10.31 13.52
N ASP A 48 -23.39 -11.55 13.50
CA ASP A 48 -23.73 -12.59 12.48
C ASP A 48 -25.25 -12.78 12.48
N LEU A 49 -25.85 -13.03 13.64
CA LEU A 49 -27.32 -13.21 13.80
C LEU A 49 -28.04 -11.87 13.57
N LYS A 50 -27.40 -10.76 13.96
CA LYS A 50 -27.92 -9.38 13.74
C LYS A 50 -28.04 -9.14 12.22
N LEU A 51 -27.07 -9.60 11.43
CA LEU A 51 -27.11 -9.51 9.95
C LEU A 51 -28.40 -10.18 9.43
N ALA A 52 -28.73 -11.36 9.94
CA ALA A 52 -29.85 -12.20 9.43
C ALA A 52 -30.86 -12.47 10.55
N HIS A 53 -31.55 -11.41 11.00
CA HIS A 53 -32.66 -11.49 11.99
C HIS A 53 -33.96 -11.00 11.32
N LYS A 54 -35.05 -11.75 11.45
CA LYS A 54 -36.39 -11.39 10.91
C LYS A 54 -37.39 -11.29 12.07
N LEU A 55 -37.97 -10.11 12.28
CA LEU A 55 -39.10 -9.86 13.21
C LEU A 55 -38.76 -10.35 14.64
N ASP A 56 -37.54 -10.07 15.13
CA ASP A 56 -37.14 -10.28 16.53
C ASP A 56 -37.27 -8.94 17.28
N VAL A 57 -38.00 -8.91 18.39
CA VAL A 57 -38.31 -7.64 19.13
C VAL A 57 -37.52 -7.60 20.44
N VAL A 58 -38.01 -8.29 21.48
CA VAL A 58 -37.43 -8.22 22.86
C VAL A 58 -36.02 -8.83 22.81
N LYS A 59 -35.86 -9.94 22.07
CA LYS A 59 -34.57 -10.64 21.86
C LYS A 59 -33.54 -9.64 21.33
N ILE A 60 -33.90 -8.88 20.29
CA ILE A 60 -32.99 -7.90 19.63
C ILE A 60 -32.58 -6.83 20.65
N ARG A 61 -33.52 -6.37 21.49
CA ARG A 61 -33.25 -5.34 22.53
C ARG A 61 -32.09 -5.82 23.42
N GLN A 62 -32.13 -7.08 23.83
CA GLN A 62 -31.10 -7.71 24.69
C GLN A 62 -29.78 -7.78 23.91
N GLN A 63 -29.83 -8.34 22.69
CA GLN A 63 -28.65 -8.53 21.82
C GLN A 63 -27.92 -7.19 21.68
N LEU A 64 -28.63 -6.16 21.21
CA LEU A 64 -28.07 -4.78 21.01
C LEU A 64 -27.42 -4.30 22.31
N GLN A 65 -28.16 -4.38 23.42
CA GLN A 65 -27.70 -3.87 24.74
C GLN A 65 -26.39 -4.58 25.10
N TRP A 66 -26.35 -5.90 24.95
CA TRP A 66 -25.15 -6.74 25.22
C TRP A 66 -23.94 -6.16 24.45
N ILE A 67 -24.07 -5.98 23.14
CA ILE A 67 -23.02 -5.41 22.23
C ILE A 67 -22.51 -4.09 22.82
N HIS A 68 -23.43 -3.18 23.15
CA HIS A 68 -23.12 -1.83 23.71
C HIS A 68 -22.17 -2.00 24.91
N ASP A 69 -22.57 -2.81 25.89
CA ASP A 69 -21.81 -3.03 27.14
C ASP A 69 -20.44 -3.63 26.77
N THR A 70 -20.42 -4.67 25.92
CA THR A 70 -19.18 -5.37 25.49
C THR A 70 -18.20 -4.37 24.88
N ILE A 71 -18.70 -3.52 23.97
CA ILE A 71 -17.89 -2.48 23.28
C ILE A 71 -17.22 -1.59 24.33
N ILE A 72 -17.97 -1.13 25.34
CA ILE A 72 -17.42 -0.24 26.41
C ILE A 72 -16.31 -0.99 27.14
N ILE A 73 -16.52 -2.27 27.44
CA ILE A 73 -15.52 -3.16 28.11
C ILE A 73 -14.27 -3.19 27.22
N ILE A 74 -14.45 -3.37 25.90
CA ILE A 74 -13.33 -3.45 24.91
C ILE A 74 -12.58 -2.11 24.92
N GLN A 75 -13.28 -0.97 24.88
CA GLN A 75 -12.69 0.39 24.96
C GLN A 75 -11.80 0.50 26.21
N SER A 76 -12.27 -0.02 27.36
CA SER A 76 -11.55 0.03 28.66
C SER A 76 -10.26 -0.80 28.58
N THR A 77 -10.27 -1.94 27.88
CA THR A 77 -9.09 -2.85 27.76
C THR A 77 -7.95 -2.13 27.05
N LEU A 78 -8.24 -1.38 25.98
CA LEU A 78 -7.28 -0.48 25.28
C LEU A 78 -6.66 0.48 26.30
N ALA A 79 -7.47 1.07 27.19
CA ALA A 79 -7.03 2.04 28.21
C ALA A 79 -6.03 1.38 29.16
N ASN A 80 -6.31 0.16 29.61
CA ASN A 80 -5.50 -0.62 30.59
C ASN A 80 -4.11 -0.91 30.00
N GLY A 81 -4.07 -1.53 28.82
CA GLY A 81 -2.85 -1.78 28.03
C GLY A 81 -3.00 -1.22 26.62
N LEU A 82 -2.27 -0.14 26.32
CA LEU A 82 -2.59 0.82 25.23
C LEU A 82 -1.96 0.36 23.91
N PHE A 83 -2.76 -0.21 23.02
CA PHE A 83 -2.36 -0.63 21.66
C PHE A 83 -2.00 0.62 20.88
N PRO A 84 -2.88 1.65 20.83
CA PRO A 84 -2.48 2.97 20.34
C PRO A 84 -2.01 3.84 21.51
N SER A 85 -0.75 4.28 21.48
CA SER A 85 -0.13 5.16 22.49
C SER A 85 1.04 5.93 21.86
N ASP A 86 1.37 7.10 22.42
CA ASP A 86 2.54 7.91 22.01
C ASP A 86 3.80 7.29 22.63
N PHE A 87 4.35 6.27 21.97
CA PHE A 87 5.66 5.65 22.30
C PHE A 87 6.71 6.15 21.32
N LYS A 88 6.46 7.30 20.66
CA LYS A 88 7.37 7.92 19.66
C LYS A 88 8.68 8.32 20.36
N GLU A 89 8.58 8.93 21.55
CA GLU A 89 9.73 9.28 22.43
C GLU A 89 10.58 8.02 22.68
N TYR A 90 9.92 6.85 22.78
CA TYR A 90 10.56 5.53 23.06
C TYR A 90 11.15 4.96 21.76
N GLN A 91 12.19 4.13 21.89
CA GLN A 91 12.72 3.26 20.81
C GLN A 91 12.26 1.82 21.09
N GLU A 92 11.29 1.66 21.98
CA GLU A 92 10.62 0.38 22.36
C GLU A 92 9.47 0.09 21.40
N MET A 93 9.26 0.97 20.40
CA MET A 93 8.33 0.75 19.27
C MET A 93 8.55 -0.64 18.68
N HIS A 94 9.81 -1.01 18.40
CA HIS A 94 10.18 -2.30 17.77
C HIS A 94 9.58 -3.45 18.57
N LYS A 95 9.72 -3.44 19.90
CA LYS A 95 9.10 -4.41 20.83
C LYS A 95 7.59 -4.44 20.58
N TYR A 96 6.97 -3.26 20.54
CA TYR A 96 5.50 -3.08 20.40
C TYR A 96 5.02 -3.67 19.08
N MET A 97 5.72 -3.41 17.97
CA MET A 97 5.40 -4.02 16.64
C MET A 97 5.27 -5.53 16.82
N ASN A 98 6.35 -6.17 17.27
CA ASN A 98 6.49 -7.65 17.38
C ASN A 98 5.28 -8.18 18.16
N ALA A 99 4.95 -7.54 19.28
CA ALA A 99 3.80 -7.89 20.16
C ALA A 99 2.51 -7.93 19.33
N ILE A 100 2.24 -6.87 18.55
CA ILE A 100 1.02 -6.74 17.70
C ILE A 100 0.94 -7.94 16.74
N LEU A 101 2.03 -8.19 16.03
CA LEU A 101 2.10 -9.18 14.90
C LEU A 101 1.86 -10.60 15.43
N GLU A 102 2.30 -10.89 16.66
CA GLU A 102 2.09 -12.20 17.34
C GLU A 102 0.60 -12.56 17.29
N ARG A 103 -0.27 -11.65 17.74
CA ARG A 103 -1.75 -11.88 17.87
C ARG A 103 -2.51 -11.10 16.79
N LYS A 104 -1.83 -10.64 15.73
CA LYS A 104 -2.41 -9.83 14.63
C LYS A 104 -3.53 -10.62 13.93
N VAL A 105 -3.33 -11.94 13.77
CA VAL A 105 -4.35 -12.90 13.25
C VAL A 105 -5.72 -12.59 13.88
N GLU A 106 -5.76 -12.39 15.19
CA GLU A 106 -7.01 -12.21 15.98
C GLU A 106 -7.52 -10.78 15.84
N LEU A 107 -6.63 -9.78 15.87
CA LEU A 107 -7.00 -8.34 15.85
C LEU A 107 -7.76 -8.04 14.55
N PHE A 108 -7.42 -8.70 13.44
CA PHE A 108 -8.16 -8.55 12.16
C PHE A 108 -9.60 -9.03 12.35
N LYS A 109 -9.82 -10.18 13.00
CA LYS A 109 -11.18 -10.72 13.30
C LYS A 109 -11.94 -9.68 14.13
N PHE A 110 -11.29 -9.16 15.17
CA PHE A 110 -11.77 -8.12 16.13
C PHE A 110 -12.19 -6.86 15.36
N ILE A 111 -11.26 -6.27 14.61
CA ILE A 111 -11.44 -5.02 13.80
C ILE A 111 -12.62 -5.18 12.83
N ASN A 112 -12.73 -6.34 12.19
CA ASN A 112 -13.71 -6.61 11.09
C ASN A 112 -15.13 -6.47 11.61
N CYS A 113 -15.43 -6.97 12.81
CA CYS A 113 -16.82 -7.00 13.36
C CYS A 113 -17.25 -5.58 13.77
N ILE A 114 -16.41 -4.86 14.51
CA ILE A 114 -16.74 -3.50 15.07
C ILE A 114 -16.95 -2.52 13.92
N ASN A 115 -16.15 -2.57 12.85
CA ASN A 115 -16.33 -1.72 11.64
C ASN A 115 -17.67 -2.05 10.97
N GLU A 116 -18.11 -3.32 11.06
CA GLU A 116 -19.39 -3.80 10.47
C GLU A 116 -20.61 -3.26 11.24
N VAL A 117 -20.42 -2.81 12.49
CA VAL A 117 -21.52 -2.43 13.43
C VAL A 117 -22.47 -1.44 12.72
N GLU A 118 -21.98 -0.23 12.39
CA GLU A 118 -22.80 0.89 11.84
C GLU A 118 -23.69 0.39 10.70
N PRO A 119 -23.11 -0.26 9.65
CA PRO A 119 -23.91 -0.86 8.58
C PRO A 119 -24.86 -1.99 9.01
N VAL A 120 -24.46 -2.83 9.98
CA VAL A 120 -25.31 -3.93 10.54
C VAL A 120 -26.55 -3.31 11.18
N LEU A 121 -26.37 -2.26 12.00
CA LEU A 121 -27.48 -1.59 12.75
C LEU A 121 -28.39 -0.87 11.75
N SER A 122 -27.84 -0.29 10.67
CA SER A 122 -28.60 0.35 9.57
C SER A 122 -29.58 -0.67 8.97
N HIS A 123 -29.11 -1.89 8.70
CA HIS A 123 -29.95 -3.02 8.22
C HIS A 123 -31.11 -3.24 9.21
N ILE A 124 -30.79 -3.34 10.51
CA ILE A 124 -31.78 -3.50 11.62
C ILE A 124 -32.78 -2.35 11.56
N LEU A 125 -32.27 -1.11 11.51
CA LEU A 125 -33.10 0.12 11.44
C LEU A 125 -34.01 0.07 10.22
N ASP A 126 -33.49 -0.36 9.06
CA ASP A 126 -34.28 -0.49 7.81
C ASP A 126 -35.40 -1.52 8.06
N LEU A 127 -35.09 -2.65 8.70
CA LEU A 127 -36.09 -3.68 9.11
C LEU A 127 -37.12 -3.02 10.03
N LEU A 128 -36.65 -2.23 11.00
CA LEU A 128 -37.50 -1.48 11.97
C LEU A 128 -38.36 -0.46 11.21
N GLU A 129 -37.76 0.30 10.28
CA GLU A 129 -38.47 1.31 9.43
C GLU A 129 -39.57 0.61 8.63
N GLU A 130 -39.29 -0.59 8.10
CA GLU A 130 -40.23 -1.38 7.24
C GLU A 130 -41.44 -1.82 8.08
N ASP A 131 -41.26 -1.99 9.40
CA ASP A 131 -42.35 -2.42 10.33
C ASP A 131 -43.50 -1.41 10.27
N LEU A 132 -43.19 -0.10 10.28
CA LEU A 132 -44.18 1.00 10.19
C LEU A 132 -45.24 0.81 11.29
N SER A 133 -46.52 0.64 10.93
CA SER A 133 -47.63 0.23 11.84
C SER A 133 -47.99 1.36 12.83
N ALA A 134 -47.66 2.60 12.49
CA ALA A 134 -48.04 3.83 13.24
C ALA A 134 -47.55 3.74 14.70
N THR A 135 -48.43 4.01 15.67
CA THR A 135 -48.07 4.27 17.11
C THR A 135 -47.55 3.01 17.79
N PRO A 136 -48.25 1.84 17.70
CA PRO A 136 -47.85 0.64 18.45
C PRO A 136 -46.40 0.19 18.22
N LYS A 137 -46.01 0.02 16.95
CA LYS A 137 -44.63 -0.35 16.54
C LYS A 137 -43.68 0.79 16.90
N GLY A 138 -44.12 2.04 16.70
CA GLY A 138 -43.35 3.28 16.94
C GLY A 138 -42.80 3.36 18.36
N ASN A 139 -43.62 3.04 19.36
CA ASN A 139 -43.27 3.14 20.80
C ASN A 139 -42.05 2.24 21.07
N VAL A 140 -42.07 1.00 20.58
CA VAL A 140 -40.96 0.02 20.70
C VAL A 140 -39.76 0.56 19.91
N ASP A 141 -39.99 1.11 18.71
CA ASP A 141 -38.95 1.68 17.81
C ASP A 141 -38.12 2.73 18.55
N PHE A 142 -38.75 3.57 19.37
CA PHE A 142 -38.06 4.68 20.08
C PHE A 142 -37.07 4.06 21.07
N ASP A 143 -37.53 3.10 21.87
CA ASP A 143 -36.67 2.29 22.78
C ASP A 143 -35.46 1.74 22.01
N LEU A 144 -35.67 1.29 20.77
CA LEU A 144 -34.62 0.66 19.91
C LEU A 144 -33.67 1.71 19.34
N LEU A 145 -34.15 2.72 18.61
CA LEU A 145 -33.26 3.72 17.95
C LEU A 145 -32.31 4.33 19.01
N PHE A 146 -32.82 4.69 20.18
CA PHE A 146 -32.01 5.31 21.27
C PHE A 146 -30.91 4.31 21.67
N ASP A 147 -31.27 3.02 21.77
CA ASP A 147 -30.34 1.91 22.06
C ASP A 147 -29.33 1.78 20.91
N LEU A 148 -29.79 1.77 19.66
CA LEU A 148 -28.93 1.63 18.45
C LEU A 148 -27.94 2.79 18.41
N ILE A 149 -28.42 4.03 18.50
CA ILE A 149 -27.55 5.24 18.44
C ILE A 149 -26.63 5.23 19.67
N GLU A 150 -27.06 4.60 20.78
CA GLU A 150 -26.21 4.37 21.97
C GLU A 150 -25.04 3.44 21.61
N ASN A 151 -25.30 2.36 20.84
CA ASN A 151 -24.24 1.47 20.32
C ASN A 151 -23.24 2.29 19.51
N CYS A 152 -23.75 3.12 18.61
CA CYS A 152 -22.97 3.86 17.58
C CYS A 152 -22.00 4.83 18.26
N THR A 153 -22.43 5.61 19.25
CA THR A 153 -21.51 6.57 19.93
C THR A 153 -20.28 5.79 20.38
N HIS A 154 -20.47 4.60 20.97
CA HIS A 154 -19.35 3.78 21.53
C HIS A 154 -18.60 3.11 20.38
N GLU A 155 -19.29 2.50 19.41
CA GLU A 155 -18.64 2.01 18.16
C GLU A 155 -17.71 3.11 17.64
N SER A 156 -18.28 4.25 17.21
CA SER A 156 -17.58 5.36 16.48
C SER A 156 -16.41 5.92 17.29
N ASN A 157 -16.59 6.19 18.59
CA ASN A 157 -15.52 6.71 19.48
C ASN A 157 -14.39 5.68 19.51
N PHE A 158 -14.68 4.45 19.96
CA PHE A 158 -13.70 3.35 20.07
C PHE A 158 -13.22 2.95 18.66
N LEU A 159 -14.16 2.65 17.75
CA LEU A 159 -13.88 2.04 16.41
C LEU A 159 -12.87 2.90 15.63
N THR A 160 -13.17 4.18 15.38
CA THR A 160 -12.37 5.03 14.47
C THR A 160 -10.95 5.18 15.02
N PRO A 161 -10.75 5.79 16.21
CA PRO A 161 -9.40 6.07 16.71
C PRO A 161 -8.52 4.82 16.81
N ASN A 162 -8.96 3.83 17.61
CA ASN A 162 -8.24 2.55 17.87
C ASN A 162 -7.83 1.94 16.54
N LEU A 163 -8.80 1.53 15.73
CA LEU A 163 -8.59 0.61 14.57
C LEU A 163 -7.82 1.32 13.45
N LYS A 164 -8.16 2.58 13.16
CA LYS A 164 -7.42 3.39 12.15
C LYS A 164 -5.92 3.23 12.42
N GLN A 165 -5.46 3.71 13.59
CA GLN A 165 -4.03 3.66 13.98
C GLN A 165 -3.57 2.21 14.07
N LEU A 166 -4.35 1.33 14.71
CA LEU A 166 -3.94 -0.09 14.95
C LEU A 166 -3.72 -0.78 13.60
N LYS A 167 -4.68 -0.69 12.67
CA LYS A 167 -4.59 -1.37 11.35
C LYS A 167 -3.36 -0.87 10.61
N GLU A 168 -3.14 0.45 10.59
CA GLU A 168 -1.94 1.09 9.99
C GLU A 168 -0.69 0.51 10.64
N CYS A 169 -0.68 0.41 11.97
CA CYS A 169 0.49 -0.04 12.78
C CYS A 169 0.82 -1.49 12.43
N ILE A 170 -0.19 -2.35 12.33
CA ILE A 170 -0.01 -3.80 11.94
C ILE A 170 0.66 -3.82 10.56
N ASP A 171 0.06 -3.13 9.58
CA ASP A 171 0.52 -3.10 8.18
C ASP A 171 1.95 -2.52 8.13
N ALA A 172 2.19 -1.44 8.89
CA ALA A 172 3.51 -0.76 8.96
C ALA A 172 4.54 -1.73 9.55
N ALA A 173 4.20 -2.40 10.65
CA ALA A 173 5.06 -3.40 11.32
C ALA A 173 5.34 -4.56 10.35
N MET A 174 4.30 -5.07 9.67
CA MET A 174 4.42 -6.14 8.65
C MET A 174 5.49 -5.74 7.62
N GLU A 175 5.32 -4.59 6.96
CA GLU A 175 6.26 -4.10 5.91
C GLU A 175 7.64 -3.87 6.53
N PHE A 176 7.71 -3.21 7.69
CA PHE A 176 8.98 -2.81 8.36
C PHE A 176 9.87 -4.04 8.61
N ASN A 177 9.30 -5.13 9.12
CA ASN A 177 10.04 -6.39 9.35
C ASN A 177 10.49 -6.94 8.00
N GLU A 178 9.62 -6.89 6.99
CA GLU A 178 9.95 -7.33 5.61
C GLU A 178 11.21 -6.59 5.15
N ILE A 179 11.17 -5.26 5.11
CA ILE A 179 12.28 -4.39 4.59
C ILE A 179 13.54 -4.56 5.45
N SER A 180 13.42 -4.64 6.79
CA SER A 180 14.58 -4.78 7.71
C SER A 180 15.14 -6.21 7.66
N ARG A 181 14.32 -7.21 8.01
CA ARG A 181 14.80 -8.62 8.19
C ARG A 181 14.92 -9.31 6.82
N ASP A 182 13.86 -9.33 6.01
CA ASP A 182 13.78 -10.16 4.79
C ASP A 182 14.62 -9.54 3.65
N HIS A 183 14.80 -8.22 3.65
CA HIS A 183 15.47 -7.49 2.53
C HIS A 183 16.85 -6.99 2.98
N MET A 184 16.90 -6.14 4.01
CA MET A 184 18.16 -5.49 4.47
C MET A 184 19.09 -6.52 5.12
N ASP A 185 18.60 -7.29 6.10
CA ASP A 185 19.42 -8.28 6.85
C ASP A 185 19.94 -9.33 5.85
N THR A 186 19.11 -9.80 4.92
CA THR A 186 19.48 -10.76 3.85
C THR A 186 20.69 -10.23 3.08
N LEU A 187 20.60 -8.98 2.58
CA LEU A 187 21.66 -8.34 1.75
C LEU A 187 22.97 -8.25 2.55
N ASP A 188 22.91 -7.89 3.83
CA ASP A 188 24.11 -7.84 4.72
C ASP A 188 24.75 -9.23 4.75
N ASP A 189 23.96 -10.27 5.04
CA ASP A 189 24.41 -11.69 5.07
C ASP A 189 25.10 -12.02 3.76
N LEU A 190 24.43 -11.73 2.64
CA LEU A 190 24.90 -12.02 1.26
C LEU A 190 26.22 -11.28 1.00
N ILE A 191 26.30 -9.99 1.36
CA ILE A 191 27.51 -9.13 1.18
C ILE A 191 28.68 -9.75 1.95
N ASN A 192 28.46 -10.15 3.20
CA ASN A 192 29.48 -10.75 4.08
C ASN A 192 29.98 -12.06 3.46
N LYS A 193 29.08 -12.91 2.95
CA LYS A 193 29.43 -14.21 2.33
C LYS A 193 30.34 -13.95 1.12
N ASN A 194 30.10 -12.87 0.37
CA ASN A 194 30.97 -12.43 -0.76
C ASN A 194 32.34 -12.05 -0.20
N VAL A 195 32.39 -11.31 0.91
CA VAL A 195 33.68 -10.90 1.55
C VAL A 195 34.40 -12.18 2.04
N GLU A 196 33.69 -13.15 2.62
CA GLU A 196 34.28 -14.43 3.09
C GLU A 196 34.91 -15.16 1.90
N LYS A 197 34.14 -15.34 0.81
CA LYS A 197 34.60 -16.00 -0.44
C LYS A 197 35.82 -15.27 -0.99
N CYS A 198 35.76 -13.92 -1.01
CA CYS A 198 36.87 -13.01 -1.41
C CYS A 198 38.14 -13.37 -0.62
N PHE A 199 38.02 -13.46 0.71
CA PHE A 199 39.11 -13.84 1.65
C PHE A 199 39.52 -15.30 1.43
N GLU A 200 38.53 -16.21 1.39
CA GLU A 200 38.72 -17.67 1.19
C GLU A 200 39.60 -17.90 -0.04
N ILE A 201 39.37 -17.15 -1.12
CA ILE A 201 40.15 -17.22 -2.39
C ILE A 201 41.62 -16.88 -2.08
N GLN A 202 41.88 -15.72 -1.47
CA GLN A 202 43.25 -15.21 -1.19
C GLN A 202 44.09 -16.26 -0.44
N GLU A 203 43.49 -16.95 0.54
CA GLU A 203 44.18 -18.01 1.34
C GLU A 203 44.71 -19.11 0.40
N LEU A 204 43.93 -19.48 -0.62
CA LEU A 204 44.32 -20.52 -1.61
C LEU A 204 45.39 -19.95 -2.57
N LYS A 205 45.34 -18.66 -2.91
CA LYS A 205 46.35 -17.99 -3.78
C LYS A 205 47.72 -18.06 -3.11
N PHE A 206 47.81 -17.73 -1.82
CA PHE A 206 49.06 -17.68 -1.02
C PHE A 206 49.49 -19.08 -0.56
N SER A 207 48.68 -20.12 -0.83
CA SER A 207 48.94 -21.52 -0.40
C SER A 207 48.91 -22.48 -1.60
N SER A 208 50.10 -22.83 -2.14
CA SER A 208 50.31 -23.89 -3.16
C SER A 208 51.81 -24.15 -3.33
N ASP A 219 53.24 -25.25 -16.04
CA ASP A 219 54.57 -25.51 -16.64
C ASP A 219 54.92 -24.37 -17.61
N GLN A 220 54.80 -24.62 -18.92
CA GLN A 220 55.28 -23.70 -19.99
C GLN A 220 54.17 -22.72 -20.38
N LEU A 221 53.00 -23.24 -20.80
CA LEU A 221 52.02 -22.50 -21.63
C LEU A 221 52.77 -21.85 -22.80
N ILE A 222 53.57 -22.66 -23.50
CA ILE A 222 54.69 -22.24 -24.39
C ILE A 222 54.14 -21.42 -25.57
N LYS A 223 53.34 -22.04 -26.43
CA LYS A 223 52.58 -21.37 -27.52
C LYS A 223 51.13 -21.17 -27.08
N LEU A 224 50.71 -21.86 -26.01
CA LEU A 224 49.38 -21.70 -25.36
C LEU A 224 49.08 -20.21 -25.16
N LEU A 225 50.11 -19.41 -24.84
CA LEU A 225 50.06 -17.93 -24.82
C LEU A 225 49.56 -17.42 -26.17
N SER A 226 50.16 -17.90 -27.27
CA SER A 226 49.85 -17.52 -28.67
C SER A 226 48.44 -17.97 -29.05
N SER A 227 48.02 -19.18 -28.65
CA SER A 227 46.65 -19.70 -28.84
C SER A 227 45.64 -18.73 -28.21
N ASN A 228 45.83 -18.44 -26.92
CA ASN A 228 45.04 -17.43 -26.15
C ASN A 228 44.97 -16.14 -26.97
N ASN A 229 46.13 -15.60 -27.37
CA ASN A 229 46.26 -14.38 -28.20
C ASN A 229 46.05 -14.76 -29.67
N LYS A 238 40.85 -12.02 -20.90
CA LYS A 238 41.87 -12.06 -19.82
C LYS A 238 41.72 -13.36 -19.02
N ILE A 239 42.45 -14.41 -19.40
CA ILE A 239 42.39 -15.76 -18.75
C ILE A 239 43.68 -15.98 -17.94
N PRO A 240 43.56 -16.30 -16.63
CA PRO A 240 44.72 -16.73 -15.85
C PRO A 240 44.96 -18.23 -16.11
N ASN A 241 45.57 -18.53 -17.26
CA ASN A 241 45.99 -19.89 -17.69
C ASN A 241 47.43 -20.14 -17.21
N PHE A 242 47.91 -19.28 -16.30
CA PHE A 242 49.30 -19.25 -15.75
C PHE A 242 49.61 -20.55 -14.99
N SER A 243 48.71 -21.00 -14.10
CA SER A 243 48.82 -22.27 -13.33
C SER A 243 47.73 -23.23 -13.78
N PRO A 244 47.95 -24.06 -14.83
CA PRO A 244 46.91 -24.95 -15.35
C PRO A 244 46.10 -25.65 -14.24
N VAL A 245 46.77 -26.02 -13.14
CA VAL A 245 46.14 -26.62 -11.92
C VAL A 245 45.17 -25.61 -11.29
N GLU A 246 45.60 -24.36 -11.08
CA GLU A 246 44.81 -23.35 -10.33
C GLU A 246 44.08 -22.39 -11.27
N GLU A 247 43.79 -22.81 -12.52
CA GLU A 247 42.81 -22.10 -13.39
C GLU A 247 41.45 -22.13 -12.69
N SER A 248 41.26 -23.06 -11.75
CA SER A 248 40.03 -23.23 -10.92
C SER A 248 39.74 -21.97 -10.10
N LEU A 249 40.77 -21.36 -9.50
CA LEU A 249 40.58 -20.22 -8.56
C LEU A 249 39.89 -19.07 -9.29
N SER A 250 40.23 -18.83 -10.55
CA SER A 250 39.64 -17.79 -11.43
C SER A 250 38.13 -17.99 -11.53
N ARG A 251 37.69 -19.24 -11.74
CA ARG A 251 36.26 -19.58 -11.90
C ARG A 251 35.52 -19.22 -10.60
N LYS A 252 36.16 -19.45 -9.44
CA LYS A 252 35.60 -19.07 -8.12
C LYS A 252 35.50 -17.54 -8.04
N PHE A 253 36.45 -16.80 -8.63
CA PHE A 253 36.38 -15.32 -8.72
C PHE A 253 35.26 -14.92 -9.69
N LEU A 254 35.08 -15.65 -10.79
CA LEU A 254 34.08 -15.32 -11.83
C LEU A 254 32.68 -15.29 -11.20
N ILE A 255 32.31 -16.33 -10.43
CA ILE A 255 31.00 -16.41 -9.74
C ILE A 255 30.88 -15.22 -8.77
N LEU A 256 31.97 -14.87 -8.08
CA LEU A 256 31.99 -13.75 -7.09
C LEU A 256 31.67 -12.44 -7.81
N LYS A 257 32.36 -12.17 -8.93
CA LYS A 257 32.17 -10.95 -9.78
C LYS A 257 30.70 -10.87 -10.22
N ARG A 258 30.08 -12.02 -10.52
CA ARG A 258 28.69 -12.13 -11.05
C ARG A 258 27.65 -11.88 -9.94
N ASN A 259 27.98 -12.25 -8.68
CA ASN A 259 27.07 -12.10 -7.52
C ASN A 259 26.79 -10.63 -7.24
N ILE A 260 27.73 -9.73 -7.52
CA ILE A 260 27.70 -8.29 -7.13
C ILE A 260 26.43 -7.61 -7.66
N PRO A 261 26.21 -7.53 -9.00
CA PRO A 261 25.16 -6.65 -9.54
C PRO A 261 23.77 -6.85 -8.90
N PRO A 262 23.22 -8.07 -8.79
CA PRO A 262 21.98 -8.29 -8.05
C PRO A 262 21.96 -7.57 -6.70
N ILE A 263 23.03 -7.71 -5.91
CA ILE A 263 23.20 -6.99 -4.61
C ILE A 263 23.15 -5.48 -4.87
N GLU A 264 23.89 -4.98 -5.87
CA GLU A 264 24.01 -3.54 -6.18
C GLU A 264 22.67 -3.02 -6.72
N GLN A 265 21.98 -3.81 -7.55
CA GLN A 265 20.59 -3.56 -7.99
C GLN A 265 19.72 -3.32 -6.75
N SER A 266 19.70 -4.29 -5.84
CA SER A 266 18.86 -4.32 -4.62
C SER A 266 19.21 -3.16 -3.67
N LEU A 267 20.41 -2.58 -3.74
CA LEU A 267 20.77 -1.43 -2.88
C LEU A 267 20.28 -0.11 -3.50
N THR A 268 19.96 -0.06 -4.80
CA THR A 268 19.31 1.13 -5.43
C THR A 268 17.79 0.92 -5.53
N GLU A 269 17.31 -0.33 -5.45
CA GLU A 269 15.86 -0.66 -5.52
C GLU A 269 15.24 -0.73 -4.12
N ILE A 270 16.04 -0.84 -3.05
CA ILE A 270 15.55 -0.79 -1.65
C ILE A 270 15.21 0.66 -1.30
N LEU A 271 15.77 1.65 -2.01
CA LEU A 271 15.59 3.09 -1.66
C LEU A 271 14.11 3.45 -1.81
N PRO A 272 13.43 3.14 -2.93
CA PRO A 272 11.97 3.23 -3.00
C PRO A 272 11.27 2.67 -1.75
N GLN A 273 11.42 1.38 -1.44
CA GLN A 273 10.74 0.73 -0.29
C GLN A 273 11.11 1.48 1.00
N ARG A 274 12.35 1.97 1.11
CA ARG A 274 12.82 2.75 2.28
C ARG A 274 12.14 4.12 2.29
N ILE A 275 12.01 4.77 1.13
CA ILE A 275 11.40 6.13 0.98
C ILE A 275 9.89 6.03 1.22
N GLU A 276 9.23 5.06 0.56
CA GLU A 276 7.77 4.78 0.72
C GLU A 276 7.41 4.74 2.20
N GLN A 277 7.94 3.74 2.92
CA GLN A 277 7.62 3.48 4.35
C GLN A 277 8.04 4.68 5.21
N PHE A 278 9.14 5.36 4.87
CA PHE A 278 9.72 6.48 5.64
C PHE A 278 8.67 7.60 5.81
N CYS A 279 8.24 8.21 4.70
CA CYS A 279 7.32 9.38 4.68
C CYS A 279 5.86 8.92 4.64
N GLY A 280 5.54 7.89 3.86
CA GLY A 280 4.17 7.42 3.56
C GLY A 280 3.32 7.24 4.81
N ARG A 281 3.87 6.61 5.85
CA ARG A 281 3.12 6.24 7.08
C ARG A 281 2.59 7.51 7.75
N ASN A 282 1.29 7.54 8.03
CA ASN A 282 0.57 8.69 8.64
C ASN A 282 1.08 8.91 10.08
N ILE A 283 1.37 7.82 10.80
CA ILE A 283 1.74 7.84 12.24
C ILE A 283 3.03 8.65 12.40
N ILE A 284 3.09 9.52 13.42
CA ILE A 284 4.29 10.34 13.76
C ILE A 284 5.41 9.40 14.23
N ASN A 285 5.03 8.19 14.66
CA ASN A 285 5.96 7.12 15.12
C ASN A 285 6.95 6.77 14.01
N ILE A 286 6.52 6.84 12.75
CA ILE A 286 7.34 6.50 11.54
C ILE A 286 8.67 7.27 11.60
N ASN A 287 8.64 8.55 11.99
CA ASN A 287 9.83 9.44 12.03
C ASN A 287 11.03 8.69 12.61
N LEU A 288 10.85 7.98 13.74
CA LEU A 288 11.94 7.26 14.43
C LEU A 288 12.32 6.01 13.61
N LEU A 289 11.33 5.22 13.15
CA LEU A 289 11.58 4.04 12.29
C LEU A 289 12.39 4.46 11.06
N ALA A 290 12.04 5.59 10.44
CA ALA A 290 12.78 6.17 9.29
C ALA A 290 14.25 6.39 9.69
N ASP A 291 14.50 7.01 10.85
CA ASP A 291 15.86 7.26 11.39
C ASP A 291 16.61 5.93 11.52
N PHE A 292 15.99 4.91 12.12
CA PHE A 292 16.57 3.57 12.36
C PHE A 292 16.97 2.90 11.04
N LEU A 293 16.08 2.90 10.05
CA LEU A 293 16.32 2.28 8.72
C LEU A 293 17.44 3.05 7.99
N GLN A 294 17.46 4.38 8.07
CA GLN A 294 18.52 5.22 7.45
C GLN A 294 19.89 4.77 8.01
N LEU A 295 20.00 4.59 9.33
CA LEU A 295 21.27 4.18 10.00
C LEU A 295 21.65 2.77 9.55
N LYS A 296 20.70 1.83 9.54
CA LYS A 296 20.89 0.44 9.05
C LYS A 296 21.44 0.47 7.63
N TYR A 297 20.78 1.22 6.73
CA TYR A 297 21.12 1.33 5.30
C TYR A 297 22.56 1.82 5.14
N LYS A 298 22.93 2.91 5.82
CA LYS A 298 24.28 3.52 5.71
C LYS A 298 25.33 2.52 6.21
N ARG A 299 25.04 1.81 7.31
CA ARG A 299 25.90 0.73 7.87
C ARG A 299 26.13 -0.35 6.79
N ILE A 300 25.06 -0.81 6.14
CA ILE A 300 25.12 -1.90 5.12
C ILE A 300 25.83 -1.36 3.86
N MET A 301 25.62 -0.09 3.51
CA MET A 301 26.21 0.54 2.30
C MET A 301 27.74 0.62 2.45
N LYS A 302 28.24 0.94 3.65
CA LYS A 302 29.69 0.98 3.97
C LYS A 302 30.27 -0.42 3.74
N ASN A 303 29.66 -1.43 4.38
CA ASN A 303 30.02 -2.86 4.25
C ASN A 303 30.03 -3.25 2.76
N PHE A 304 29.06 -2.79 1.97
CA PHE A 304 28.96 -3.06 0.52
C PHE A 304 30.16 -2.47 -0.23
N ARG A 305 30.47 -1.19 0.01
CA ARG A 305 31.55 -0.46 -0.71
C ARG A 305 32.90 -1.12 -0.38
N PHE A 306 33.05 -1.61 0.85
CA PHE A 306 34.23 -2.37 1.33
C PHE A 306 34.37 -3.65 0.49
N MET A 307 33.32 -4.47 0.44
CA MET A 307 33.23 -5.73 -0.35
C MET A 307 33.54 -5.42 -1.83
N MET A 308 32.97 -4.35 -2.39
CA MET A 308 33.25 -3.91 -3.78
C MET A 308 34.76 -3.71 -3.95
N ASN A 309 35.35 -2.86 -3.10
CA ASN A 309 36.81 -2.55 -3.10
C ASN A 309 37.60 -3.85 -2.97
N GLU A 310 37.29 -4.68 -1.96
CA GLU A 310 37.96 -5.98 -1.71
C GLU A 310 38.05 -6.79 -3.00
N ILE A 311 36.94 -6.94 -3.72
CA ILE A 311 36.86 -7.73 -4.99
C ILE A 311 37.68 -7.02 -6.07
N LYS A 312 37.54 -5.70 -6.19
CA LYS A 312 38.32 -4.88 -7.17
C LYS A 312 39.82 -5.08 -6.92
N ASP A 313 40.25 -5.01 -5.65
CA ASP A 313 41.66 -5.27 -5.22
C ASP A 313 42.05 -6.69 -5.62
N LEU A 314 41.17 -7.68 -5.38
CA LEU A 314 41.43 -9.11 -5.69
C LEU A 314 41.61 -9.30 -7.20
N LYS A 315 40.79 -8.65 -8.03
CA LYS A 315 40.82 -8.80 -9.51
C LYS A 315 42.22 -8.47 -10.02
N ILE A 316 42.80 -7.37 -9.53
CA ILE A 316 44.20 -6.97 -9.89
C ILE A 316 45.11 -8.17 -9.59
N GLU A 317 45.03 -8.69 -8.36
CA GLU A 317 45.94 -9.75 -7.84
C GLU A 317 45.84 -11.02 -8.71
N LEU A 318 44.65 -11.47 -9.08
CA LEU A 318 44.49 -12.72 -9.87
C LEU A 318 44.76 -12.47 -11.35
N ILE A 319 44.11 -11.47 -11.96
CA ILE A 319 44.11 -11.30 -13.43
C ILE A 319 45.28 -10.43 -13.88
N ASP A 320 45.47 -9.24 -13.31
CA ASP A 320 46.44 -8.24 -13.83
C ASP A 320 47.88 -8.67 -13.51
N LYS A 321 48.18 -8.92 -12.23
CA LYS A 321 49.53 -9.29 -11.73
C LYS A 321 50.05 -10.50 -12.52
N ARG A 322 49.25 -11.56 -12.63
CA ARG A 322 49.65 -12.84 -13.30
C ARG A 322 49.97 -12.55 -14.77
N TRP A 323 49.13 -11.80 -15.47
CA TRP A 323 49.43 -11.32 -16.85
C TRP A 323 50.75 -10.55 -16.83
N ASN A 324 50.89 -9.60 -15.90
CA ASN A 324 52.10 -8.72 -15.83
C ASN A 324 53.35 -9.58 -15.72
N ILE A 325 53.44 -10.49 -14.74
CA ILE A 325 54.68 -11.29 -14.49
C ILE A 325 55.00 -12.12 -15.74
N LEU A 326 54.00 -12.74 -16.38
CA LEU A 326 54.25 -13.58 -17.59
C LEU A 326 55.09 -12.77 -18.57
N PHE A 327 54.68 -11.53 -18.84
CA PHE A 327 55.33 -10.66 -19.85
C PHE A 327 56.65 -10.11 -19.31
N ILE A 328 56.75 -9.84 -17.99
CA ILE A 328 58.06 -9.53 -17.34
C ILE A 328 58.99 -10.70 -17.65
N ASN A 329 58.54 -11.92 -17.32
CA ASN A 329 59.27 -13.20 -17.55
C ASN A 329 59.67 -13.30 -19.02
N LEU A 330 58.74 -13.10 -19.95
CA LEU A 330 59.04 -13.19 -21.40
C LEU A 330 60.12 -12.16 -21.76
N ASN A 331 59.98 -10.91 -21.34
CA ASN A 331 60.98 -9.85 -21.62
C ASN A 331 62.36 -10.28 -21.08
N ASN A 332 62.40 -10.85 -19.87
CA ASN A 332 63.67 -11.29 -19.22
C ASN A 332 64.33 -12.35 -20.11
N GLU A 333 63.59 -13.42 -20.42
CA GLU A 333 64.02 -14.50 -21.36
C GLU A 333 64.49 -13.86 -22.66
N LEU A 334 63.67 -12.97 -23.22
CA LEU A 334 63.94 -12.30 -24.52
C LEU A 334 65.34 -11.68 -24.44
N GLU A 335 65.58 -10.86 -23.42
CA GLU A 335 66.87 -10.15 -23.21
C GLU A 335 68.02 -11.16 -23.20
N TYR A 336 67.87 -12.26 -22.45
CA TYR A 336 68.92 -13.28 -22.25
C TYR A 336 69.16 -14.03 -23.56
N ILE A 337 68.09 -14.51 -24.23
CA ILE A 337 68.26 -15.26 -25.51
C ILE A 337 68.84 -14.30 -26.56
N ILE A 338 68.51 -13.00 -26.52
CA ILE A 338 69.17 -12.00 -27.39
C ILE A 338 70.68 -12.03 -27.10
N GLU A 339 71.06 -11.98 -25.81
CA GLU A 339 72.47 -12.06 -25.37
C GLU A 339 73.07 -13.38 -25.87
N GLU A 340 72.44 -14.52 -25.55
CA GLU A 340 72.88 -15.86 -26.03
C GLU A 340 73.33 -15.74 -27.48
N VAL A 341 72.48 -15.15 -28.34
CA VAL A 341 72.73 -14.99 -29.80
C VAL A 341 74.03 -14.22 -29.99
N ARG A 342 74.21 -13.07 -29.32
CA ARG A 342 75.39 -12.20 -29.53
C ARG A 342 76.67 -13.00 -29.27
N LEU A 343 76.72 -13.74 -28.16
CA LEU A 343 77.89 -14.57 -27.76
C LEU A 343 78.13 -15.61 -28.86
N LEU A 344 77.11 -16.40 -29.19
CA LEU A 344 77.14 -17.42 -30.28
C LEU A 344 77.69 -16.77 -31.56
N LEU A 345 77.17 -15.61 -31.95
CA LEU A 345 77.66 -14.86 -33.13
C LEU A 345 79.17 -14.60 -32.95
N LYS A 346 79.57 -14.11 -31.77
CA LYS A 346 80.98 -13.77 -31.44
C LYS A 346 81.86 -15.02 -31.59
N LYS A 347 81.48 -16.13 -30.95
CA LYS A 347 82.22 -17.43 -31.03
C LYS A 347 82.50 -17.76 -32.50
N ILE A 348 81.45 -17.79 -33.33
CA ILE A 348 81.55 -18.13 -34.78
C ILE A 348 82.63 -17.24 -35.41
N ASN A 349 82.58 -15.94 -35.17
CA ASN A 349 83.46 -14.93 -35.83
C ASN A 349 84.87 -14.98 -35.24
N GLU A 350 85.01 -15.19 -33.93
CA GLU A 350 86.29 -14.94 -33.20
C GLU A 350 87.31 -16.05 -33.49
N ASN A 351 86.92 -17.32 -33.46
CA ASN A 351 87.91 -18.44 -33.44
C ASN A 351 88.00 -19.12 -34.82
N ASP A 352 87.60 -18.42 -35.89
CA ASP A 352 87.94 -18.78 -37.30
C ASP A 352 87.60 -20.25 -37.57
N ASP A 353 88.60 -21.07 -37.90
CA ASP A 353 88.45 -22.49 -38.31
C ASP A 353 87.92 -23.31 -37.13
N LEU A 354 86.85 -24.06 -37.35
CA LEU A 354 86.21 -24.98 -36.37
C LEU A 354 85.73 -26.24 -37.12
N ALA A 355 85.46 -27.32 -36.40
CA ALA A 355 84.90 -28.58 -36.94
C ALA A 355 83.55 -28.29 -37.61
N GLN A 356 83.22 -29.07 -38.65
CA GLN A 356 81.88 -29.02 -39.31
C GLN A 356 80.80 -29.30 -38.27
N THR A 357 81.00 -30.34 -37.45
CA THR A 357 80.13 -30.69 -36.29
C THR A 357 79.88 -29.43 -35.46
N ILE A 358 80.95 -28.75 -35.04
CA ILE A 358 80.89 -27.52 -34.19
C ILE A 358 80.20 -26.41 -34.97
N LYS A 359 80.69 -26.07 -36.17
CA LYS A 359 80.18 -24.93 -36.98
C LYS A 359 78.70 -25.17 -37.29
N ASP A 360 78.30 -26.42 -37.54
CA ASP A 360 76.90 -26.80 -37.88
C ASP A 360 76.01 -26.68 -36.64
N ARG A 361 76.50 -27.12 -35.47
CA ARG A 361 75.75 -26.99 -34.18
C ARG A 361 75.57 -25.50 -33.87
N PHE A 362 76.66 -24.74 -33.85
CA PHE A 362 76.66 -23.26 -33.66
C PHE A 362 75.58 -22.66 -34.56
N ASN A 363 75.59 -22.97 -35.85
CA ASN A 363 74.65 -22.41 -36.85
C ASN A 363 73.21 -22.81 -36.50
N SER A 364 72.94 -24.09 -36.23
CA SER A 364 71.58 -24.62 -35.91
C SER A 364 71.03 -23.94 -34.65
N GLN A 365 71.90 -23.66 -33.67
CA GLN A 365 71.53 -22.96 -32.41
C GLN A 365 71.12 -21.52 -32.76
N LEU A 366 71.99 -20.80 -33.48
CA LEU A 366 71.75 -19.41 -33.96
C LEU A 366 70.40 -19.34 -34.67
N ALA A 367 70.14 -20.28 -35.58
CA ALA A 367 68.86 -20.41 -36.33
C ALA A 367 67.71 -20.58 -35.32
N LYS A 368 67.83 -21.57 -34.44
CA LYS A 368 66.79 -21.95 -33.44
C LYS A 368 66.54 -20.78 -32.48
N LYS A 369 67.60 -20.09 -32.05
CA LYS A 369 67.49 -18.98 -31.06
C LYS A 369 66.77 -17.79 -31.72
N SER A 370 67.19 -17.38 -32.92
CA SER A 370 66.57 -16.28 -33.69
C SER A 370 65.05 -16.50 -33.77
N LYS A 371 64.63 -17.71 -34.13
CA LYS A 371 63.20 -18.07 -34.37
C LYS A 371 62.40 -17.85 -33.08
N ILE A 372 62.92 -18.31 -31.94
CA ILE A 372 62.29 -18.09 -30.60
C ILE A 372 62.16 -16.59 -30.35
N ILE A 373 63.21 -15.80 -30.58
CA ILE A 373 63.22 -14.35 -30.25
C ILE A 373 61.99 -13.71 -30.91
N THR A 374 61.76 -13.99 -32.18
CA THR A 374 60.67 -13.38 -33.00
C THR A 374 59.32 -13.91 -32.53
N LYS A 375 59.23 -15.22 -32.32
CA LYS A 375 58.03 -15.87 -31.74
C LYS A 375 57.65 -15.12 -30.46
N THR A 376 58.66 -14.76 -29.66
CA THR A 376 58.49 -14.07 -28.34
C THR A 376 57.99 -12.65 -28.58
N PHE A 377 58.73 -11.85 -29.36
CA PHE A 377 58.34 -10.48 -29.78
C PHE A 377 56.92 -10.52 -30.37
N ASN A 378 56.69 -11.46 -31.28
CA ASN A 378 55.38 -11.68 -31.95
C ASN A 378 54.29 -11.77 -30.88
N ILE A 379 54.39 -12.74 -29.97
CA ILE A 379 53.44 -12.95 -28.84
C ILE A 379 53.31 -11.67 -28.02
N ILE A 380 54.42 -11.11 -27.54
CA ILE A 380 54.42 -9.95 -26.60
C ILE A 380 53.62 -8.81 -27.25
N TYR A 381 53.90 -8.49 -28.52
CA TYR A 381 53.30 -7.34 -29.23
C TYR A 381 51.81 -7.61 -29.53
N ARG A 382 51.39 -8.87 -29.57
CA ARG A 382 49.96 -9.25 -29.78
C ARG A 382 49.19 -9.12 -28.47
N ALA A 383 49.90 -9.17 -27.34
CA ALA A 383 49.34 -8.87 -26.00
C ALA A 383 48.98 -7.37 -25.92
N LEU A 384 49.63 -6.52 -26.71
CA LEU A 384 49.33 -5.06 -26.75
C LEU A 384 47.93 -4.83 -27.33
N GLU A 385 47.51 -5.68 -28.27
CA GLU A 385 46.20 -5.57 -28.98
C GLU A 385 45.06 -5.86 -27.99
N PHE A 386 45.10 -7.01 -27.32
CA PHE A 386 44.20 -7.34 -26.18
C PHE A 386 44.50 -6.42 -25.00
N SER A 387 45.61 -5.68 -25.06
CA SER A 387 46.02 -4.63 -24.08
C SER A 387 46.35 -5.25 -22.71
N LEU A 388 46.70 -6.55 -22.70
CA LEU A 388 47.10 -7.31 -21.48
C LEU A 388 48.45 -6.82 -20.97
N LEU A 389 49.38 -6.54 -21.89
CA LEU A 389 50.75 -6.03 -21.59
C LEU A 389 50.62 -4.60 -21.03
N ASP A 390 51.12 -4.38 -19.80
CA ASP A 390 51.24 -3.05 -19.17
C ASP A 390 52.01 -2.10 -20.11
N ALA A 391 51.58 -0.84 -20.19
CA ALA A 391 52.24 0.25 -20.93
C ALA A 391 53.71 0.37 -20.49
N GLY A 392 53.99 0.15 -19.19
CA GLY A 392 55.35 0.16 -18.62
C GLY A 392 56.25 -0.90 -19.23
N ILE A 393 55.87 -2.18 -19.16
CA ILE A 393 56.73 -3.32 -19.59
C ILE A 393 56.85 -3.29 -21.11
N ALA A 394 55.82 -2.76 -21.79
CA ALA A 394 55.86 -2.41 -23.23
C ALA A 394 57.19 -1.74 -23.55
N LEU A 395 57.62 -0.76 -22.76
CA LEU A 395 58.88 0.02 -23.03
C LEU A 395 60.09 -0.93 -23.06
N LYS A 396 60.19 -1.85 -22.11
CA LYS A 396 61.33 -2.82 -22.05
C LYS A 396 61.35 -3.62 -23.35
N THR A 397 60.23 -4.25 -23.71
CA THR A 397 60.09 -4.99 -25.00
C THR A 397 60.64 -4.08 -26.11
N ASN A 398 60.19 -2.82 -26.16
CA ASN A 398 60.62 -1.86 -27.20
C ASN A 398 62.14 -1.70 -27.15
N GLU A 399 62.74 -1.58 -25.96
CA GLU A 399 64.21 -1.41 -25.81
C GLU A 399 64.93 -2.63 -26.39
N LEU A 400 64.44 -3.82 -26.06
CA LEU A 400 64.97 -5.11 -26.60
C LEU A 400 64.80 -5.11 -28.12
N ALA A 401 63.60 -4.82 -28.60
CA ALA A 401 63.27 -4.77 -30.05
C ALA A 401 64.41 -4.05 -30.78
N LYS A 402 64.78 -2.85 -30.32
CA LYS A 402 65.80 -1.96 -30.92
C LYS A 402 67.15 -2.67 -31.06
N VAL A 403 67.62 -3.36 -30.01
CA VAL A 403 68.96 -4.02 -30.04
C VAL A 403 68.90 -5.20 -31.01
N TRP A 404 67.76 -5.91 -31.07
CA TRP A 404 67.57 -7.12 -31.91
C TRP A 404 67.56 -6.73 -33.39
N VAL A 405 67.05 -5.54 -33.74
CA VAL A 405 67.00 -5.09 -35.15
C VAL A 405 68.43 -4.83 -35.64
N ASP A 406 69.36 -4.54 -34.73
CA ASP A 406 70.80 -4.31 -35.07
C ASP A 406 71.53 -5.65 -35.17
N LEU A 407 71.21 -6.64 -34.33
CA LEU A 407 71.91 -7.96 -34.30
C LEU A 407 71.38 -8.88 -35.40
N ARG A 408 70.06 -8.90 -35.64
CA ARG A 408 69.42 -9.95 -36.46
C ARG A 408 70.05 -9.99 -37.86
N PRO A 409 70.36 -8.84 -38.51
CA PRO A 409 71.11 -8.85 -39.76
C PRO A 409 72.42 -9.65 -39.66
N LYS A 410 73.16 -9.44 -38.56
CA LYS A 410 74.43 -10.15 -38.28
C LYS A 410 74.14 -11.64 -38.10
N SER A 411 73.05 -12.00 -37.42
CA SER A 411 72.57 -13.40 -37.30
C SER A 411 72.20 -13.92 -38.70
N ASP A 412 71.37 -13.16 -39.43
CA ASP A 412 70.70 -13.59 -40.68
C ASP A 412 71.74 -13.81 -41.79
N GLU A 413 72.73 -12.93 -41.95
CA GLU A 413 73.77 -13.06 -43.00
C GLU A 413 74.43 -14.43 -42.90
N ILE A 414 74.74 -14.89 -41.68
CA ILE A 414 75.39 -16.21 -41.41
C ILE A 414 74.48 -17.32 -41.92
N LEU A 415 73.20 -17.29 -41.55
CA LEU A 415 72.22 -18.39 -41.82
C LEU A 415 71.85 -18.38 -43.30
N LEU A 416 71.77 -17.20 -43.93
CA LEU A 416 71.27 -17.06 -45.32
C LEU A 416 72.31 -17.60 -46.31
N HIS A 417 73.61 -17.49 -46.01
CA HIS A 417 74.70 -18.13 -46.81
C HIS A 417 74.53 -19.65 -46.78
N ILE A 418 74.22 -20.22 -45.62
CA ILE A 418 73.97 -21.69 -45.45
C ILE A 418 72.73 -22.05 -46.27
N LYS A 419 71.68 -21.22 -46.23
CA LYS A 419 70.42 -21.43 -46.97
C LYS A 419 70.71 -21.45 -48.48
N LYS A 420 71.58 -20.54 -48.96
CA LYS A 420 72.00 -20.48 -50.41
C LYS A 420 72.53 -21.84 -50.86
N PHE A 421 73.44 -22.43 -50.06
CA PHE A 421 74.03 -23.76 -50.32
C PHE A 421 72.90 -24.80 -50.41
N ASP A 422 72.88 -25.58 -51.49
CA ASP A 422 71.84 -26.59 -51.80
C ASP A 422 72.41 -27.59 -52.81
N LEU B 31 -5.74 -14.75 -22.76
CA LEU B 31 -5.10 -14.19 -24.00
C LEU B 31 -3.84 -14.98 -24.35
N PRO B 32 -2.85 -15.17 -23.43
CA PRO B 32 -1.63 -15.90 -23.76
C PRO B 32 -1.78 -17.42 -23.58
N MET B 33 -2.55 -18.06 -24.47
CA MET B 33 -2.86 -19.53 -24.44
C MET B 33 -1.56 -20.34 -24.49
N GLU B 34 -0.71 -20.06 -25.49
CA GLU B 34 0.62 -20.69 -25.68
C GLU B 34 1.36 -20.78 -24.34
N LEU B 35 1.45 -19.65 -23.64
CA LEU B 35 2.28 -19.48 -22.42
C LEU B 35 1.70 -20.30 -21.27
N GLN B 36 0.37 -20.39 -21.17
CA GLN B 36 -0.35 -21.15 -20.11
C GLN B 36 0.06 -22.62 -20.16
N ASN B 37 0.30 -23.17 -21.36
CA ASN B 37 0.68 -24.59 -21.56
C ASN B 37 2.11 -24.81 -21.05
N LEU B 38 2.94 -23.76 -21.05
CA LEU B 38 4.38 -23.80 -20.68
C LEU B 38 4.55 -23.62 -19.17
N LEU B 39 3.77 -22.72 -18.55
CA LEU B 39 3.91 -22.27 -17.14
C LEU B 39 4.04 -23.45 -16.17
N PRO B 40 3.24 -24.53 -16.28
CA PRO B 40 3.27 -25.60 -15.28
C PRO B 40 4.63 -26.32 -15.26
N ARG B 41 5.16 -26.63 -16.44
CA ARG B 41 6.48 -27.30 -16.60
C ARG B 41 7.58 -26.37 -16.07
N LEU B 42 7.44 -25.06 -16.29
CA LEU B 42 8.44 -24.03 -15.90
C LEU B 42 8.67 -24.09 -14.38
N GLU B 43 7.61 -24.00 -13.58
CA GLU B 43 7.71 -24.06 -12.09
C GLU B 43 8.22 -25.46 -11.69
N ALA B 44 7.81 -26.51 -12.40
CA ALA B 44 8.23 -27.92 -12.16
C ALA B 44 9.76 -28.05 -12.33
N THR B 45 10.32 -27.50 -13.42
CA THR B 45 11.77 -27.51 -13.71
C THR B 45 12.50 -26.63 -12.69
N VAL B 46 12.07 -25.38 -12.54
CA VAL B 46 12.64 -24.38 -11.58
C VAL B 46 12.64 -25.00 -10.18
N THR B 47 11.49 -25.57 -9.76
CA THR B 47 11.33 -26.23 -8.44
C THR B 47 12.34 -27.37 -8.31
N ASP B 48 12.48 -28.20 -9.35
CA ASP B 48 13.46 -29.33 -9.38
C ASP B 48 14.86 -28.79 -9.11
N LEU B 49 15.29 -27.78 -9.90
CA LEU B 49 16.57 -27.05 -9.72
C LEU B 49 16.64 -26.45 -8.31
N LYS B 50 15.54 -25.83 -7.85
CA LYS B 50 15.44 -25.11 -6.56
C LYS B 50 15.84 -26.04 -5.41
N LEU B 51 15.40 -27.31 -5.45
CA LEU B 51 15.63 -28.32 -4.38
C LEU B 51 16.31 -29.55 -4.98
N ALA B 52 17.52 -29.38 -5.52
CA ALA B 52 18.45 -30.45 -5.95
C ALA B 52 19.83 -30.13 -5.37
N HIS B 53 20.48 -31.10 -4.71
CA HIS B 53 21.81 -30.92 -4.06
C HIS B 53 22.91 -31.67 -4.84
N LYS B 54 22.53 -32.58 -5.75
CA LYS B 54 23.47 -33.36 -6.59
C LYS B 54 23.57 -32.68 -7.97
N LEU B 55 24.80 -32.53 -8.49
CA LEU B 55 25.07 -31.97 -9.84
C LEU B 55 25.00 -33.09 -10.88
N ASP B 56 23.81 -33.34 -11.45
CA ASP B 56 23.65 -34.18 -12.67
C ASP B 56 23.90 -33.28 -13.88
N VAL B 57 25.18 -33.09 -14.22
CA VAL B 57 25.69 -32.14 -15.26
C VAL B 57 24.82 -32.24 -16.52
N VAL B 58 24.46 -33.46 -16.93
CA VAL B 58 23.68 -33.75 -18.18
C VAL B 58 22.26 -33.22 -18.03
N LYS B 59 21.56 -33.58 -16.95
CA LYS B 59 20.14 -33.21 -16.70
C LYS B 59 20.04 -31.70 -16.55
N ILE B 60 20.91 -31.12 -15.71
CA ILE B 60 20.90 -29.67 -15.35
C ILE B 60 21.02 -28.86 -16.65
N ARG B 61 21.99 -29.20 -17.49
CA ARG B 61 22.22 -28.59 -18.83
C ARG B 61 20.92 -28.57 -19.63
N GLN B 62 20.25 -29.73 -19.75
CA GLN B 62 18.98 -29.90 -20.50
C GLN B 62 17.95 -28.87 -20.02
N GLN B 63 17.68 -28.85 -18.71
CA GLN B 63 16.57 -28.02 -18.15
C GLN B 63 16.98 -26.53 -18.18
N LEU B 64 18.22 -26.19 -17.84
CA LEU B 64 18.71 -24.77 -17.88
C LEU B 64 18.52 -24.21 -19.30
N GLN B 65 18.96 -24.95 -20.33
CA GLN B 65 18.86 -24.52 -21.75
C GLN B 65 17.39 -24.24 -22.07
N TRP B 66 16.50 -25.18 -21.72
CA TRP B 66 15.03 -25.08 -21.92
C TRP B 66 14.55 -23.73 -21.36
N ILE B 67 14.86 -23.45 -20.10
CA ILE B 67 14.42 -22.21 -19.37
C ILE B 67 14.83 -20.98 -20.19
N HIS B 68 16.08 -20.94 -20.64
CA HIS B 68 16.66 -19.82 -21.44
C HIS B 68 15.76 -19.55 -22.65
N ASP B 69 15.51 -20.58 -23.46
CA ASP B 69 14.71 -20.48 -24.71
C ASP B 69 13.29 -20.00 -24.36
N THR B 70 12.67 -20.61 -23.33
CA THR B 70 11.27 -20.30 -22.91
C THR B 70 11.18 -18.84 -22.43
N ILE B 71 12.14 -18.38 -21.62
CA ILE B 71 12.22 -16.95 -21.18
C ILE B 71 12.07 -16.05 -22.40
N ILE B 72 12.91 -16.26 -23.43
CA ILE B 72 12.94 -15.42 -24.67
C ILE B 72 11.55 -15.45 -25.30
N ILE B 73 10.98 -16.66 -25.47
CA ILE B 73 9.63 -16.89 -26.05
C ILE B 73 8.62 -16.01 -25.32
N ILE B 74 8.58 -16.10 -23.98
CA ILE B 74 7.60 -15.34 -23.14
C ILE B 74 7.81 -13.84 -23.41
N GLN B 75 9.06 -13.37 -23.42
CA GLN B 75 9.40 -11.94 -23.63
C GLN B 75 8.85 -11.48 -24.98
N SER B 76 9.08 -12.25 -26.05
CA SER B 76 8.69 -11.89 -27.44
C SER B 76 7.16 -11.76 -27.53
N THR B 77 6.42 -12.71 -26.94
CA THR B 77 4.93 -12.68 -26.91
C THR B 77 4.46 -11.49 -26.06
N LEU B 78 5.16 -11.17 -24.96
CA LEU B 78 4.77 -10.10 -24.00
C LEU B 78 5.31 -8.73 -24.45
N ALA B 79 6.01 -8.65 -25.60
CA ALA B 79 6.63 -7.40 -26.11
C ALA B 79 5.57 -6.53 -26.79
N ASN B 80 4.60 -6.05 -26.00
CA ASN B 80 3.48 -5.16 -26.41
C ASN B 80 2.45 -5.92 -27.27
N GLY B 81 2.65 -7.23 -27.50
CA GLY B 81 1.66 -8.08 -28.18
C GLY B 81 0.36 -8.12 -27.40
N LEU B 82 0.45 -8.39 -26.10
CA LEU B 82 -0.68 -8.46 -25.13
C LEU B 82 -0.14 -8.14 -23.73
N PHE B 83 0.49 -6.97 -23.55
CA PHE B 83 1.08 -6.52 -22.26
C PHE B 83 1.26 -5.00 -22.28
N PRO B 84 1.65 -4.40 -21.13
CA PRO B 84 1.71 -2.94 -20.98
C PRO B 84 2.53 -2.16 -22.02
N SER B 85 1.95 -1.09 -22.55
CA SER B 85 2.59 -0.07 -23.43
C SER B 85 2.02 1.31 -23.09
N ASP B 86 2.66 2.40 -23.54
CA ASP B 86 2.18 3.78 -23.27
C ASP B 86 0.76 3.90 -23.81
N PHE B 87 -0.20 4.26 -22.95
CA PHE B 87 -1.64 4.43 -23.29
C PHE B 87 -2.08 5.87 -22.98
N LYS B 88 -1.14 6.81 -22.90
CA LYS B 88 -1.39 8.23 -22.55
C LYS B 88 -2.53 8.81 -23.42
N GLU B 89 -2.84 8.17 -24.55
CA GLU B 89 -3.83 8.63 -25.56
C GLU B 89 -5.25 8.70 -24.95
N TYR B 90 -5.73 7.63 -24.32
CA TYR B 90 -7.13 7.52 -23.83
C TYR B 90 -7.21 6.55 -22.64
N GLN B 91 -8.34 6.59 -21.93
CA GLN B 91 -8.64 5.69 -20.79
C GLN B 91 -9.05 4.30 -21.29
N GLU B 92 -8.86 4.01 -22.60
CA GLU B 92 -9.09 2.65 -23.15
C GLU B 92 -8.21 1.65 -22.37
N MET B 93 -7.12 2.13 -21.77
CA MET B 93 -6.21 1.33 -20.90
C MET B 93 -7.01 0.72 -19.74
N HIS B 94 -8.02 1.42 -19.21
CA HIS B 94 -8.95 0.88 -18.18
C HIS B 94 -9.30 -0.57 -18.55
N LYS B 95 -9.65 -0.80 -19.82
CA LYS B 95 -10.05 -2.13 -20.36
C LYS B 95 -8.86 -3.10 -20.27
N TYR B 96 -7.65 -2.63 -20.62
CA TYR B 96 -6.39 -3.42 -20.58
C TYR B 96 -6.11 -3.81 -19.11
N MET B 97 -6.35 -2.91 -18.16
CA MET B 97 -6.19 -3.19 -16.71
C MET B 97 -7.19 -4.28 -16.31
N ASN B 98 -8.48 -4.09 -16.65
CA ASN B 98 -9.55 -5.10 -16.44
C ASN B 98 -9.10 -6.42 -17.08
N ALA B 99 -8.51 -6.35 -18.28
CA ALA B 99 -7.98 -7.52 -19.02
C ALA B 99 -6.97 -8.27 -18.15
N ILE B 100 -6.02 -7.55 -17.53
CA ILE B 100 -4.97 -8.16 -16.66
C ILE B 100 -5.66 -8.94 -15.53
N LEU B 101 -6.61 -8.29 -14.86
CA LEU B 101 -7.27 -8.77 -13.62
C LEU B 101 -8.05 -10.05 -13.89
N GLU B 102 -8.60 -10.20 -15.10
CA GLU B 102 -9.33 -11.42 -15.56
C GLU B 102 -8.44 -12.65 -15.33
N ARG B 103 -7.20 -12.62 -15.84
CA ARG B 103 -6.22 -13.74 -15.76
C ARG B 103 -5.06 -13.37 -14.83
N LYS B 104 -5.30 -12.51 -13.84
CA LYS B 104 -4.27 -12.00 -12.88
C LYS B 104 -3.66 -13.17 -12.11
N VAL B 105 -4.47 -14.18 -11.76
CA VAL B 105 -4.04 -15.46 -11.14
C VAL B 105 -2.81 -16.00 -11.87
N GLU B 106 -2.82 -15.95 -13.21
CA GLU B 106 -1.77 -16.53 -14.09
C GLU B 106 -0.53 -15.62 -14.07
N LEU B 107 -0.71 -14.32 -14.29
CA LEU B 107 0.42 -13.34 -14.40
C LEU B 107 1.21 -13.33 -13.09
N PHE B 108 0.53 -13.38 -11.93
CA PHE B 108 1.18 -13.52 -10.60
C PHE B 108 2.04 -14.79 -10.60
N LYS B 109 1.51 -15.92 -11.09
CA LYS B 109 2.22 -17.22 -11.15
C LYS B 109 3.53 -17.05 -11.93
N PHE B 110 3.50 -16.37 -13.08
CA PHE B 110 4.67 -16.13 -13.97
C PHE B 110 5.77 -15.38 -13.19
N ILE B 111 5.43 -14.22 -12.62
CA ILE B 111 6.41 -13.31 -11.94
C ILE B 111 7.08 -14.07 -10.80
N ASN B 112 6.31 -14.80 -10.00
CA ASN B 112 6.80 -15.56 -8.81
C ASN B 112 7.92 -16.52 -9.25
N CYS B 113 7.72 -17.25 -10.35
CA CYS B 113 8.69 -18.23 -10.91
C CYS B 113 9.95 -17.48 -11.36
N ILE B 114 9.77 -16.43 -12.19
CA ILE B 114 10.88 -15.67 -12.84
C ILE B 114 11.74 -14.99 -11.76
N ASN B 115 11.13 -14.43 -10.72
CA ASN B 115 11.89 -13.77 -9.62
C ASN B 115 12.63 -14.84 -8.79
N GLU B 116 12.15 -16.10 -8.82
CA GLU B 116 12.84 -17.26 -8.18
C GLU B 116 14.09 -17.65 -8.98
N VAL B 117 14.16 -17.33 -10.28
CA VAL B 117 15.23 -17.80 -11.20
C VAL B 117 16.60 -17.44 -10.62
N GLU B 118 16.87 -16.15 -10.39
CA GLU B 118 18.21 -15.65 -9.97
C GLU B 118 18.71 -16.45 -8.77
N PRO B 119 17.94 -16.56 -7.66
CA PRO B 119 18.33 -17.41 -6.53
C PRO B 119 18.43 -18.92 -6.85
N VAL B 120 17.59 -19.44 -7.74
CA VAL B 120 17.64 -20.87 -8.19
C VAL B 120 19.02 -21.13 -8.81
N LEU B 121 19.43 -20.27 -9.75
CA LEU B 121 20.73 -20.36 -10.47
C LEU B 121 21.88 -20.26 -9.47
N SER B 122 21.77 -19.36 -8.49
CA SER B 122 22.78 -19.14 -7.43
C SER B 122 22.98 -20.44 -6.64
N HIS B 123 21.90 -21.14 -6.30
CA HIS B 123 21.95 -22.49 -5.65
C HIS B 123 22.83 -23.40 -6.49
N ILE B 124 22.53 -23.49 -7.80
CA ILE B 124 23.30 -24.32 -8.79
C ILE B 124 24.77 -23.90 -8.73
N LEU B 125 25.05 -22.60 -8.73
CA LEU B 125 26.43 -22.06 -8.75
C LEU B 125 27.22 -22.55 -7.53
N ASP B 126 26.64 -22.62 -6.33
CA ASP B 126 27.38 -23.06 -5.11
C ASP B 126 27.93 -24.47 -5.35
N LEU B 127 27.04 -25.39 -5.73
CA LEU B 127 27.37 -26.82 -5.99
C LEU B 127 28.55 -26.89 -6.94
N LEU B 128 28.51 -26.09 -8.02
CA LEU B 128 29.62 -25.99 -9.00
C LEU B 128 30.92 -25.65 -8.26
N GLU B 129 30.92 -24.60 -7.43
CA GLU B 129 32.10 -24.12 -6.66
C GLU B 129 32.56 -25.25 -5.73
N GLU B 130 31.63 -25.90 -5.03
CA GLU B 130 31.90 -27.00 -4.06
C GLU B 130 32.56 -28.17 -4.80
N ASP B 131 32.06 -28.52 -5.99
CA ASP B 131 32.55 -29.68 -6.78
C ASP B 131 33.77 -29.26 -7.62
N LEU B 132 34.13 -27.97 -7.62
CA LEU B 132 35.22 -27.42 -8.47
C LEU B 132 36.57 -27.66 -7.78
N SER B 133 37.00 -28.91 -7.71
CA SER B 133 38.34 -29.31 -7.21
C SER B 133 39.41 -28.86 -8.21
N ALA B 134 40.59 -28.45 -7.72
CA ALA B 134 41.72 -27.93 -8.51
C ALA B 134 42.24 -29.02 -9.47
N THR B 135 42.38 -30.25 -8.97
CA THR B 135 43.02 -31.40 -9.67
C THR B 135 42.30 -31.71 -10.99
N PRO B 136 40.96 -31.91 -11.00
CA PRO B 136 40.24 -32.11 -12.28
C PRO B 136 40.17 -30.84 -13.13
N LYS B 137 40.08 -31.02 -14.45
CA LYS B 137 39.95 -29.92 -15.45
C LYS B 137 38.70 -29.08 -15.11
N GLY B 138 37.62 -29.74 -14.71
CA GLY B 138 36.33 -29.09 -14.37
C GLY B 138 35.85 -28.22 -15.52
N ASN B 139 36.01 -28.71 -16.76
CA ASN B 139 35.51 -28.06 -18.00
C ASN B 139 33.99 -27.94 -17.93
N VAL B 140 33.34 -28.84 -17.18
CA VAL B 140 31.87 -28.83 -16.90
C VAL B 140 31.47 -27.46 -16.30
N ASP B 141 32.27 -26.91 -15.38
CA ASP B 141 31.98 -25.62 -14.70
C ASP B 141 31.80 -24.52 -15.75
N PHE B 142 32.73 -24.43 -16.71
CA PHE B 142 32.67 -23.46 -17.84
C PHE B 142 31.34 -23.68 -18.59
N ASP B 143 31.11 -24.90 -19.06
CA ASP B 143 29.88 -25.30 -19.80
C ASP B 143 28.65 -24.70 -19.13
N LEU B 144 28.51 -24.89 -17.81
CA LEU B 144 27.30 -24.49 -17.05
C LEU B 144 27.35 -22.98 -16.72
N LEU B 145 28.47 -22.42 -16.24
CA LEU B 145 28.51 -20.98 -15.88
C LEU B 145 28.10 -20.15 -17.10
N PHE B 146 28.64 -20.46 -18.28
CA PHE B 146 28.28 -19.75 -19.54
C PHE B 146 26.77 -19.85 -19.73
N ASP B 147 26.19 -21.03 -19.52
CA ASP B 147 24.73 -21.27 -19.64
C ASP B 147 23.98 -20.46 -18.57
N LEU B 148 24.40 -20.53 -17.31
CA LEU B 148 23.79 -19.78 -16.17
C LEU B 148 23.77 -18.28 -16.51
N ILE B 149 24.92 -17.70 -16.83
CA ILE B 149 25.03 -16.24 -17.10
C ILE B 149 24.24 -15.93 -18.39
N GLU B 150 24.10 -16.90 -19.30
CA GLU B 150 23.25 -16.80 -20.52
C GLU B 150 21.76 -16.66 -20.09
N ASN B 151 21.32 -17.40 -19.08
CA ASN B 151 19.94 -17.30 -18.52
C ASN B 151 19.76 -15.92 -17.90
N CYS B 152 20.73 -15.48 -17.09
CA CYS B 152 20.69 -14.23 -16.29
C CYS B 152 20.47 -13.02 -17.19
N THR B 153 21.18 -12.90 -18.31
CA THR B 153 21.06 -11.71 -19.20
C THR B 153 19.60 -11.58 -19.65
N HIS B 154 18.98 -12.67 -20.09
CA HIS B 154 17.54 -12.70 -20.50
C HIS B 154 16.68 -12.58 -19.24
N GLU B 155 17.07 -13.22 -18.13
CA GLU B 155 16.39 -13.09 -16.82
C GLU B 155 16.24 -11.58 -16.52
N SER B 156 17.35 -10.84 -16.48
CA SER B 156 17.42 -9.39 -16.12
C SER B 156 16.66 -8.52 -17.13
N ASN B 157 16.63 -8.93 -18.41
CA ASN B 157 15.91 -8.21 -19.49
C ASN B 157 14.40 -8.31 -19.23
N PHE B 158 13.89 -9.53 -19.10
CA PHE B 158 12.46 -9.85 -18.87
C PHE B 158 12.02 -9.37 -17.48
N LEU B 159 12.91 -9.45 -16.48
CA LEU B 159 12.57 -9.20 -15.05
C LEU B 159 12.08 -7.76 -14.85
N THR B 160 12.78 -6.78 -15.44
CA THR B 160 12.58 -5.33 -15.14
C THR B 160 11.15 -4.91 -15.52
N PRO B 161 10.62 -5.20 -16.74
CA PRO B 161 9.23 -4.87 -17.06
C PRO B 161 8.18 -5.54 -16.17
N ASN B 162 8.30 -6.85 -15.93
CA ASN B 162 7.28 -7.65 -15.19
C ASN B 162 7.17 -7.14 -13.75
N LEU B 163 8.29 -7.09 -13.03
CA LEU B 163 8.35 -6.68 -11.59
C LEU B 163 7.96 -5.20 -11.46
N LYS B 164 8.60 -4.31 -12.22
CA LYS B 164 8.49 -2.84 -12.09
C LYS B 164 7.13 -2.35 -12.57
N GLN B 165 6.62 -2.87 -13.70
CA GLN B 165 5.41 -2.33 -14.36
C GLN B 165 4.22 -3.29 -14.21
N LEU B 166 4.35 -4.52 -14.73
CA LEU B 166 3.22 -5.48 -14.83
C LEU B 166 2.69 -5.75 -13.40
N LYS B 167 3.55 -6.20 -12.48
CA LYS B 167 3.13 -6.53 -11.09
C LYS B 167 2.44 -5.31 -10.48
N GLU B 168 3.08 -4.14 -10.56
CA GLU B 168 2.54 -2.87 -9.99
C GLU B 168 1.21 -2.54 -10.65
N CYS B 169 1.08 -2.74 -11.97
CA CYS B 169 -0.15 -2.44 -12.75
C CYS B 169 -1.32 -3.28 -12.21
N ILE B 170 -1.09 -4.57 -11.93
CA ILE B 170 -2.12 -5.47 -11.33
C ILE B 170 -2.55 -4.86 -9.99
N ASP B 171 -1.59 -4.52 -9.13
CA ASP B 171 -1.84 -3.99 -7.76
C ASP B 171 -2.59 -2.65 -7.88
N ALA B 172 -2.13 -1.76 -8.76
CA ALA B 172 -2.72 -0.42 -8.98
C ALA B 172 -4.16 -0.57 -9.48
N ALA B 173 -4.37 -1.40 -10.50
CA ALA B 173 -5.69 -1.65 -11.12
C ALA B 173 -6.62 -2.30 -10.08
N MET B 174 -6.09 -3.22 -9.27
CA MET B 174 -6.87 -3.89 -8.19
C MET B 174 -7.40 -2.82 -7.23
N GLU B 175 -6.52 -1.93 -6.74
CA GLU B 175 -6.89 -0.87 -5.77
C GLU B 175 -7.81 0.15 -6.46
N PHE B 176 -7.52 0.52 -7.71
CA PHE B 176 -8.29 1.52 -8.49
C PHE B 176 -9.75 1.07 -8.63
N ASN B 177 -9.98 -0.21 -8.92
CA ASN B 177 -11.35 -0.79 -8.99
C ASN B 177 -11.99 -0.69 -7.61
N GLU B 178 -11.24 -0.99 -6.54
CA GLU B 178 -11.74 -0.84 -5.14
C GLU B 178 -12.23 0.61 -4.96
N ILE B 179 -11.34 1.60 -5.13
CA ILE B 179 -11.65 3.04 -4.84
C ILE B 179 -12.79 3.53 -5.75
N SER B 180 -12.81 3.17 -7.03
CA SER B 180 -13.84 3.62 -8.00
C SER B 180 -15.16 2.87 -7.76
N ARG B 181 -15.14 1.54 -7.87
CA ARG B 181 -16.36 0.68 -7.85
C ARG B 181 -16.84 0.48 -6.41
N ASP B 182 -15.98 -0.05 -5.53
CA ASP B 182 -16.39 -0.50 -4.17
C ASP B 182 -16.65 0.71 -3.26
N HIS B 183 -15.97 1.83 -3.48
CA HIS B 183 -15.95 2.98 -2.53
C HIS B 183 -16.74 4.17 -3.10
N MET B 184 -16.30 4.73 -4.23
CA MET B 184 -16.92 5.92 -4.86
C MET B 184 -18.34 5.56 -5.34
N ASP B 185 -18.48 4.52 -6.17
CA ASP B 185 -19.79 4.10 -6.74
C ASP B 185 -20.78 3.85 -5.59
N THR B 186 -20.37 3.12 -4.54
CA THR B 186 -21.23 2.78 -3.37
C THR B 186 -21.72 4.06 -2.71
N LEU B 187 -20.83 5.02 -2.45
CA LEU B 187 -21.19 6.29 -1.76
C LEU B 187 -22.21 7.06 -2.61
N ASP B 188 -22.08 7.04 -3.94
CA ASP B 188 -23.04 7.73 -4.86
C ASP B 188 -24.41 7.07 -4.69
N ASP B 189 -24.46 5.72 -4.71
CA ASP B 189 -25.70 4.93 -4.48
C ASP B 189 -26.34 5.39 -3.18
N LEU B 190 -25.58 5.32 -2.08
CA LEU B 190 -25.99 5.73 -0.72
C LEU B 190 -26.59 7.14 -0.75
N ILE B 191 -25.87 8.10 -1.34
CA ILE B 191 -26.24 9.54 -1.37
C ILE B 191 -27.55 9.71 -2.13
N ASN B 192 -27.69 9.03 -3.27
CA ASN B 192 -28.93 9.02 -4.11
C ASN B 192 -30.10 8.49 -3.29
N LYS B 193 -29.90 7.37 -2.60
CA LYS B 193 -30.96 6.72 -1.77
C LYS B 193 -31.38 7.67 -0.64
N ASN B 194 -30.45 8.42 -0.07
CA ASN B 194 -30.75 9.47 0.94
C ASN B 194 -31.60 10.57 0.29
N VAL B 195 -31.30 10.97 -0.96
CA VAL B 195 -32.09 11.99 -1.70
C VAL B 195 -33.51 11.45 -1.96
N GLU B 196 -33.64 10.16 -2.32
CA GLU B 196 -34.96 9.55 -2.55
C GLU B 196 -35.72 9.49 -1.22
N LYS B 197 -35.08 9.09 -0.11
CA LYS B 197 -35.71 9.08 1.24
C LYS B 197 -36.17 10.50 1.60
N CYS B 198 -35.33 11.50 1.30
CA CYS B 198 -35.64 12.95 1.41
C CYS B 198 -36.97 13.23 0.70
N PHE B 199 -37.10 12.78 -0.56
CA PHE B 199 -38.30 12.95 -1.40
C PHE B 199 -39.44 12.07 -0.88
N GLU B 200 -39.16 10.80 -0.59
CA GLU B 200 -40.11 9.79 -0.06
C GLU B 200 -40.84 10.38 1.17
N ILE B 201 -40.10 11.09 2.03
CA ILE B 201 -40.66 11.76 3.23
C ILE B 201 -41.71 12.78 2.79
N GLN B 202 -41.35 13.69 1.87
CA GLN B 202 -42.25 14.79 1.42
C GLN B 202 -43.57 14.20 0.90
N GLU B 203 -43.51 13.09 0.16
CA GLU B 203 -44.72 12.42 -0.41
C GLU B 203 -45.65 11.97 0.72
N LEU B 204 -45.10 11.50 1.85
CA LEU B 204 -45.91 11.13 3.05
C LEU B 204 -46.54 12.40 3.66
N LYS B 205 -45.77 13.48 3.80
CA LYS B 205 -46.26 14.76 4.38
C LYS B 205 -47.48 15.23 3.59
N PHE B 206 -47.34 15.36 2.27
CA PHE B 206 -48.39 15.86 1.33
C PHE B 206 -49.61 14.92 1.38
N SER B 207 -49.37 13.61 1.42
CA SER B 207 -50.42 12.55 1.47
C SER B 207 -50.77 12.25 2.93
N SER B 208 -51.52 13.15 3.56
CA SER B 208 -51.91 13.08 5.00
C SER B 208 -53.20 13.85 5.26
N PRO B 209 -53.89 13.60 6.40
CA PRO B 209 -55.09 14.36 6.76
C PRO B 209 -54.81 15.87 6.71
N VAL B 210 -53.74 16.31 7.37
CA VAL B 210 -53.28 17.73 7.38
C VAL B 210 -52.56 18.02 6.06
N ARG B 211 -53.30 18.49 5.05
CA ARG B 211 -52.74 19.04 3.78
C ARG B 211 -51.78 20.18 4.14
N HIS B 212 -52.25 21.13 4.96
CA HIS B 212 -51.55 22.36 5.40
C HIS B 212 -52.42 23.08 6.45
N THR B 213 -51.83 23.95 7.28
CA THR B 213 -52.53 24.83 8.24
C THR B 213 -53.66 24.07 8.93
N PRO B 214 -53.35 23.10 9.82
CA PRO B 214 -54.36 22.29 10.49
C PRO B 214 -55.05 23.00 11.67
N ASN B 215 -56.37 23.11 11.61
CA ASN B 215 -57.23 23.57 12.73
C ASN B 215 -57.01 22.63 13.92
N PHE B 216 -56.90 23.21 15.13
CA PHE B 216 -56.87 22.50 16.42
C PHE B 216 -57.70 23.28 17.44
N THR B 217 -58.03 22.63 18.56
CA THR B 217 -58.70 23.24 19.74
C THR B 217 -57.60 23.75 20.68
N LEU B 218 -57.82 24.89 21.34
CA LEU B 218 -56.81 25.53 22.21
C LEU B 218 -56.41 24.52 23.30
N ASP B 219 -57.36 23.77 23.86
CA ASP B 219 -57.13 22.71 24.88
C ASP B 219 -56.16 21.66 24.33
N GLN B 220 -56.37 21.24 23.08
CA GLN B 220 -55.55 20.19 22.39
C GLN B 220 -54.19 20.77 22.02
N LEU B 221 -54.16 22.04 21.58
CA LEU B 221 -52.90 22.78 21.26
C LEU B 221 -52.00 22.80 22.50
N ILE B 222 -52.56 23.19 23.64
CA ILE B 222 -51.91 23.12 24.98
C ILE B 222 -51.43 21.68 25.20
N LYS B 223 -52.35 20.71 25.14
CA LYS B 223 -52.08 19.28 25.44
C LYS B 223 -50.88 18.81 24.62
N LEU B 224 -50.84 19.13 23.32
CA LEU B 224 -49.80 18.65 22.38
C LEU B 224 -48.51 19.46 22.61
N LEU B 225 -48.63 20.79 22.78
CA LEU B 225 -47.46 21.68 23.02
C LEU B 225 -46.75 21.23 24.30
N SER B 226 -47.53 20.93 25.35
CA SER B 226 -47.09 20.50 26.69
C SER B 226 -46.41 19.13 26.65
N SER B 227 -46.89 18.22 25.79
CA SER B 227 -46.26 16.89 25.53
C SER B 227 -44.82 17.09 25.07
N ASN B 228 -44.59 18.06 24.18
CA ASN B 228 -43.28 18.38 23.55
C ASN B 228 -42.36 19.08 24.57
N ASN B 229 -42.90 19.96 25.42
CA ASN B 229 -42.16 20.60 26.54
C ASN B 229 -41.43 19.49 27.31
N ASN B 230 -42.13 18.37 27.57
CA ASN B 230 -41.67 17.25 28.43
C ASN B 230 -40.65 16.37 27.68
N THR B 231 -40.61 16.43 26.34
CA THR B 231 -39.60 15.71 25.50
C THR B 231 -39.01 16.67 24.46
N GLU B 236 -30.82 20.45 19.59
CA GLU B 236 -31.47 20.10 18.30
C GLU B 236 -32.95 19.78 18.55
N PRO B 237 -33.89 20.25 17.70
CA PRO B 237 -35.31 20.00 17.90
C PRO B 237 -35.86 18.73 17.22
N LYS B 238 -37.13 18.40 17.50
CA LYS B 238 -37.85 17.18 17.05
C LYS B 238 -39.18 17.60 16.39
N ILE B 239 -39.79 16.71 15.59
CA ILE B 239 -41.01 17.01 14.78
C ILE B 239 -42.22 17.00 15.71
N PRO B 240 -43.10 18.03 15.68
CA PRO B 240 -44.31 18.02 16.51
C PRO B 240 -45.35 17.02 15.94
N ASN B 241 -46.28 16.56 16.79
CA ASN B 241 -47.21 15.45 16.47
C ASN B 241 -48.56 16.03 16.04
N PHE B 242 -48.74 16.21 14.73
CA PHE B 242 -49.99 16.70 14.08
C PHE B 242 -50.92 15.50 13.81
N SER B 243 -50.36 14.30 13.77
CA SER B 243 -51.05 13.07 13.28
C SER B 243 -50.23 11.83 13.61
N PRO B 244 -50.84 10.61 13.60
CA PRO B 244 -50.08 9.37 13.57
C PRO B 244 -49.04 9.34 12.44
N VAL B 245 -49.33 10.03 11.32
CA VAL B 245 -48.40 10.21 10.17
C VAL B 245 -47.14 10.94 10.66
N GLU B 246 -47.27 11.99 11.46
CA GLU B 246 -46.12 12.81 11.96
C GLU B 246 -45.22 11.93 12.84
N GLU B 247 -45.80 11.04 13.65
CA GLU B 247 -45.05 10.02 14.42
C GLU B 247 -44.16 9.23 13.45
N SER B 248 -44.71 8.86 12.28
CA SER B 248 -44.00 8.12 11.20
C SER B 248 -42.90 9.01 10.59
N LEU B 249 -43.26 10.15 10.00
CA LEU B 249 -42.31 11.12 9.38
C LEU B 249 -41.12 11.37 10.32
N SER B 250 -41.42 11.70 11.58
CA SER B 250 -40.40 11.90 12.65
C SER B 250 -39.40 10.74 12.62
N ARG B 251 -39.89 9.50 12.82
CA ARG B 251 -39.07 8.26 12.86
C ARG B 251 -38.25 8.14 11.56
N LYS B 252 -38.89 8.28 10.40
CA LYS B 252 -38.25 8.14 9.06
C LYS B 252 -37.16 9.21 8.89
N PHE B 253 -37.45 10.46 9.28
CA PHE B 253 -36.51 11.60 9.19
C PHE B 253 -35.28 11.35 10.08
N LEU B 254 -35.49 10.74 11.25
CA LEU B 254 -34.40 10.46 12.23
C LEU B 254 -33.38 9.51 11.58
N ILE B 255 -33.84 8.44 10.92
CA ILE B 255 -32.93 7.48 10.23
C ILE B 255 -32.19 8.26 9.12
N LEU B 256 -32.87 9.14 8.39
CA LEU B 256 -32.25 9.92 7.28
C LEU B 256 -31.11 10.75 7.87
N LYS B 257 -31.39 11.50 8.94
CA LYS B 257 -30.43 12.45 9.57
C LYS B 257 -29.20 11.67 10.08
N ARG B 258 -29.38 10.42 10.52
CA ARG B 258 -28.28 9.60 11.10
C ARG B 258 -27.45 8.95 9.98
N ASN B 259 -28.03 8.76 8.78
CA ASN B 259 -27.34 8.10 7.65
C ASN B 259 -26.19 8.99 7.15
N ILE B 260 -26.31 10.32 7.23
CA ILE B 260 -25.36 11.25 6.53
C ILE B 260 -23.95 11.13 7.12
N PRO B 261 -23.71 11.18 8.45
CA PRO B 261 -22.33 11.31 8.94
C PRO B 261 -21.38 10.24 8.39
N PRO B 262 -21.70 8.93 8.46
CA PRO B 262 -20.87 7.91 7.81
C PRO B 262 -20.49 8.29 6.37
N ILE B 263 -21.46 8.74 5.58
CA ILE B 263 -21.24 9.22 4.18
C ILE B 263 -20.25 10.39 4.21
N GLU B 264 -20.47 11.37 5.10
CA GLU B 264 -19.66 12.62 5.18
C GLU B 264 -18.26 12.27 5.70
N GLN B 265 -18.16 11.35 6.67
CA GLN B 265 -16.88 10.75 7.15
C GLN B 265 -16.10 10.25 5.92
N SER B 266 -16.74 9.37 5.15
CA SER B 266 -16.16 8.71 3.95
C SER B 266 -15.81 9.75 2.86
N LEU B 267 -16.41 10.95 2.83
CA LEU B 267 -16.02 11.95 1.80
C LEU B 267 -14.87 12.83 2.31
N THR B 268 -14.53 12.79 3.59
CA THR B 268 -13.29 13.41 4.15
C THR B 268 -12.19 12.34 4.25
N GLU B 269 -12.56 11.06 4.33
CA GLU B 269 -11.65 9.90 4.55
C GLU B 269 -11.16 9.32 3.20
N ILE B 270 -11.90 9.53 2.11
CA ILE B 270 -11.53 9.01 0.76
C ILE B 270 -10.39 9.84 0.18
N LEU B 271 -10.23 11.09 0.62
CA LEU B 271 -9.14 11.99 0.14
C LEU B 271 -7.79 11.30 0.30
N PRO B 272 -7.40 10.85 1.52
CA PRO B 272 -6.20 10.01 1.69
C PRO B 272 -6.06 8.89 0.64
N GLN B 273 -7.01 7.94 0.58
CA GLN B 273 -6.95 6.79 -0.36
C GLN B 273 -6.83 7.31 -1.80
N ARG B 274 -7.47 8.44 -2.10
CA ARG B 274 -7.41 9.10 -3.44
C ARG B 274 -6.01 9.67 -3.64
N ILE B 275 -5.44 10.34 -2.63
CA ILE B 275 -4.08 10.98 -2.70
C ILE B 275 -3.02 9.87 -2.86
N GLU B 276 -3.08 8.82 -2.04
CA GLU B 276 -2.12 7.68 -2.04
C GLU B 276 -1.94 7.19 -3.47
N GLN B 277 -2.99 6.62 -4.07
CA GLN B 277 -2.97 6.02 -5.43
C GLN B 277 -2.56 7.10 -6.44
N PHE B 278 -3.09 8.32 -6.31
CA PHE B 278 -2.93 9.44 -7.28
C PHE B 278 -1.45 9.74 -7.54
N CYS B 279 -0.56 9.59 -6.54
CA CYS B 279 0.87 9.96 -6.62
C CYS B 279 1.79 8.76 -6.30
N GLY B 280 1.52 8.06 -5.19
CA GLY B 280 2.36 6.95 -4.67
C GLY B 280 2.67 5.89 -5.71
N ARG B 281 1.69 5.56 -6.57
CA ARG B 281 1.79 4.45 -7.56
C ARG B 281 2.92 4.74 -8.56
N ASN B 282 3.05 5.99 -9.02
CA ASN B 282 4.07 6.49 -10.00
C ASN B 282 4.18 5.54 -11.21
N ILE B 283 3.04 5.09 -11.75
CA ILE B 283 2.97 4.29 -13.01
C ILE B 283 2.75 5.27 -14.17
N ILE B 284 2.96 4.82 -15.41
CA ILE B 284 2.91 5.67 -16.64
C ILE B 284 1.48 6.25 -16.78
N ASN B 285 0.45 5.43 -16.61
CA ASN B 285 -0.96 5.81 -16.87
C ASN B 285 -1.57 6.49 -15.63
N ILE B 286 -0.82 6.60 -14.52
CA ILE B 286 -1.34 7.18 -13.25
C ILE B 286 -1.88 8.58 -13.53
N ASN B 287 -1.20 9.37 -14.36
CA ASN B 287 -1.65 10.73 -14.77
C ASN B 287 -3.15 10.64 -15.12
N LEU B 288 -3.51 9.74 -16.04
CA LEU B 288 -4.90 9.58 -16.56
C LEU B 288 -5.84 9.11 -15.45
N LEU B 289 -5.41 8.16 -14.62
CA LEU B 289 -6.25 7.56 -13.55
C LEU B 289 -6.63 8.65 -12.53
N ALA B 290 -5.64 9.26 -11.87
CA ALA B 290 -5.83 10.38 -10.93
C ALA B 290 -6.70 11.46 -11.61
N ASP B 291 -6.41 11.77 -12.87
CA ASP B 291 -7.20 12.75 -13.67
C ASP B 291 -8.68 12.34 -13.57
N PHE B 292 -9.01 11.08 -13.89
CA PHE B 292 -10.39 10.54 -13.91
C PHE B 292 -11.01 10.54 -12.50
N LEU B 293 -10.27 10.02 -11.52
CA LEU B 293 -10.78 9.87 -10.12
C LEU B 293 -11.14 11.25 -9.56
N GLN B 294 -10.28 12.25 -9.77
CA GLN B 294 -10.50 13.64 -9.29
C GLN B 294 -11.87 14.13 -9.79
N LEU B 295 -12.19 13.90 -11.07
CA LEU B 295 -13.48 14.30 -11.69
C LEU B 295 -14.64 13.54 -11.04
N LYS B 296 -14.47 12.23 -10.83
CA LYS B 296 -15.52 11.35 -10.21
C LYS B 296 -15.80 11.85 -8.79
N TYR B 297 -14.75 12.08 -7.98
CA TYR B 297 -14.87 12.63 -6.61
C TYR B 297 -15.57 13.99 -6.66
N LYS B 298 -15.15 14.90 -7.54
CA LYS B 298 -15.76 16.23 -7.72
C LYS B 298 -17.25 16.05 -8.06
N ARG B 299 -17.56 15.17 -9.02
CA ARG B 299 -18.95 14.88 -9.46
C ARG B 299 -19.79 14.44 -8.27
N ILE B 300 -19.30 13.47 -7.48
CA ILE B 300 -20.07 12.86 -6.35
C ILE B 300 -20.16 13.88 -5.20
N MET B 301 -19.12 14.70 -4.98
CA MET B 301 -19.09 15.73 -3.90
C MET B 301 -20.17 16.78 -4.17
N LYS B 302 -20.37 17.18 -5.44
CA LYS B 302 -21.47 18.07 -5.89
C LYS B 302 -22.80 17.43 -5.47
N ASN B 303 -23.03 16.20 -5.91
CA ASN B 303 -24.24 15.38 -5.65
C ASN B 303 -24.47 15.32 -4.13
N PHE B 304 -23.41 15.10 -3.34
CA PHE B 304 -23.43 15.06 -1.86
C PHE B 304 -23.98 16.37 -1.30
N ARG B 305 -23.42 17.51 -1.74
CA ARG B 305 -23.77 18.85 -1.21
C ARG B 305 -25.24 19.15 -1.50
N PHE B 306 -25.74 18.70 -2.65
CA PHE B 306 -27.18 18.77 -3.03
C PHE B 306 -28.01 18.06 -1.97
N MET B 307 -27.71 16.79 -1.71
CA MET B 307 -28.44 15.94 -0.74
C MET B 307 -28.42 16.61 0.63
N MET B 308 -27.25 17.07 1.07
CA MET B 308 -27.11 17.81 2.36
C MET B 308 -28.09 18.98 2.37
N ASN B 309 -28.09 19.79 1.30
CA ASN B 309 -28.96 20.99 1.18
C ASN B 309 -30.43 20.55 1.25
N GLU B 310 -30.81 19.53 0.46
CA GLU B 310 -32.20 18.98 0.42
C GLU B 310 -32.67 18.68 1.84
N ILE B 311 -31.84 17.97 2.62
CA ILE B 311 -32.14 17.59 4.03
C ILE B 311 -32.25 18.85 4.88
N LYS B 312 -31.32 19.81 4.73
CA LYS B 312 -31.37 21.12 5.44
C LYS B 312 -32.73 21.77 5.15
N ASP B 313 -33.11 21.85 3.87
CA ASP B 313 -34.38 22.49 3.43
C ASP B 313 -35.55 21.72 4.06
N LEU B 314 -35.48 20.39 4.11
CA LEU B 314 -36.55 19.52 4.67
C LEU B 314 -36.68 19.77 6.18
N LYS B 315 -35.56 19.80 6.92
CA LYS B 315 -35.57 20.07 8.38
C LYS B 315 -36.41 21.32 8.63
N ILE B 316 -36.15 22.40 7.90
CA ILE B 316 -36.86 23.70 8.08
C ILE B 316 -38.36 23.46 7.88
N GLU B 317 -38.73 22.79 6.77
CA GLU B 317 -40.15 22.46 6.45
C GLU B 317 -40.78 21.71 7.63
N LEU B 318 -40.25 20.52 7.97
CA LEU B 318 -40.86 19.56 8.93
C LEU B 318 -40.76 20.04 10.38
N ILE B 319 -39.89 21.01 10.69
CA ILE B 319 -39.69 21.52 12.07
C ILE B 319 -40.14 22.98 12.14
N ASP B 320 -39.36 23.91 11.58
CA ASP B 320 -39.56 25.37 11.78
C ASP B 320 -40.95 25.77 11.27
N LYS B 321 -41.30 25.37 10.04
CA LYS B 321 -42.60 25.68 9.40
C LYS B 321 -43.72 25.12 10.28
N ARG B 322 -43.62 23.85 10.67
CA ARG B 322 -44.63 23.18 11.54
C ARG B 322 -44.80 24.01 12.82
N TRP B 323 -43.72 24.36 13.52
CA TRP B 323 -43.81 25.20 14.74
C TRP B 323 -44.45 26.55 14.38
N ASN B 324 -44.10 27.13 13.23
CA ASN B 324 -44.72 28.40 12.76
C ASN B 324 -46.24 28.21 12.67
N ILE B 325 -46.73 27.24 11.89
CA ILE B 325 -48.19 27.10 11.63
C ILE B 325 -48.88 26.84 12.98
N LEU B 326 -48.36 25.95 13.83
CA LEU B 326 -48.93 25.68 15.18
C LEU B 326 -49.10 27.01 15.93
N PHE B 327 -48.13 27.91 15.85
CA PHE B 327 -48.18 29.20 16.59
C PHE B 327 -49.17 30.15 15.89
N ILE B 328 -49.34 30.06 14.57
CA ILE B 328 -50.40 30.83 13.86
C ILE B 328 -51.74 30.33 14.41
N ASN B 329 -51.92 29.01 14.45
CA ASN B 329 -53.10 28.34 15.04
C ASN B 329 -53.34 28.90 16.45
N LEU B 330 -52.32 28.82 17.33
CA LEU B 330 -52.40 29.32 18.72
C LEU B 330 -52.93 30.75 18.71
N ASN B 331 -52.25 31.64 17.99
CA ASN B 331 -52.56 33.09 17.95
C ASN B 331 -53.99 33.31 17.46
N ASN B 332 -54.45 32.54 16.48
CA ASN B 332 -55.84 32.64 15.98
C ASN B 332 -56.78 32.43 17.17
N GLU B 333 -56.82 31.20 17.71
CA GLU B 333 -57.73 30.82 18.82
C GLU B 333 -57.47 31.69 20.05
N LEU B 334 -56.21 31.97 20.36
CA LEU B 334 -55.85 32.83 21.52
C LEU B 334 -56.55 34.18 21.34
N GLU B 335 -56.40 34.82 20.19
CA GLU B 335 -56.98 36.17 19.90
C GLU B 335 -58.51 36.10 20.04
N TYR B 336 -59.13 35.04 19.51
CA TYR B 336 -60.60 34.85 19.49
C TYR B 336 -61.10 34.71 20.94
N ILE B 337 -60.56 33.75 21.69
CA ILE B 337 -61.00 33.50 23.09
C ILE B 337 -60.68 34.73 23.94
N ILE B 338 -59.60 35.48 23.64
CA ILE B 338 -59.34 36.77 24.33
C ILE B 338 -60.49 37.72 24.02
N GLU B 339 -60.90 37.81 22.75
CA GLU B 339 -62.04 38.69 22.34
C GLU B 339 -63.29 38.24 23.10
N GLU B 340 -63.64 36.95 23.00
CA GLU B 340 -64.80 36.36 23.72
C GLU B 340 -64.80 36.87 25.16
N VAL B 341 -63.66 36.79 25.86
CA VAL B 341 -63.52 37.22 27.28
C VAL B 341 -63.87 38.70 27.39
N ARG B 342 -63.31 39.55 26.52
CA ARG B 342 -63.56 41.02 26.53
C ARG B 342 -65.06 41.27 26.37
N LEU B 343 -65.69 40.60 25.41
CA LEU B 343 -67.15 40.75 25.11
C LEU B 343 -67.94 40.35 26.35
N LEU B 344 -67.61 39.22 27.00
CA LEU B 344 -68.28 38.75 28.24
C LEU B 344 -68.16 39.81 29.33
N LEU B 345 -66.96 40.34 29.55
CA LEU B 345 -66.70 41.41 30.56
C LEU B 345 -67.63 42.58 30.29
N LYS B 346 -67.63 43.08 29.05
CA LYS B 346 -68.51 44.19 28.59
C LYS B 346 -69.96 43.87 28.99
N LYS B 347 -70.45 42.68 28.62
CA LYS B 347 -71.86 42.27 28.83
C LYS B 347 -72.19 42.26 30.33
N ILE B 348 -71.32 41.70 31.17
CA ILE B 348 -71.56 41.57 32.65
C ILE B 348 -71.77 42.98 33.22
N ASN B 349 -70.87 43.92 32.90
CA ASN B 349 -70.91 45.31 33.40
C ASN B 349 -72.20 45.98 32.91
N GLU B 350 -72.53 45.83 31.61
CA GLU B 350 -73.71 46.48 30.98
C GLU B 350 -75.00 45.93 31.57
N ASN B 351 -75.07 44.62 31.85
CA ASN B 351 -76.32 43.93 32.29
C ASN B 351 -76.07 43.17 33.59
N ASP B 352 -75.91 43.91 34.70
CA ASP B 352 -75.79 43.38 36.08
C ASP B 352 -77.21 43.19 36.65
N ASP B 353 -78.24 43.56 35.89
CA ASP B 353 -79.66 43.59 36.32
C ASP B 353 -80.33 42.25 35.99
N LEU B 354 -79.63 41.36 35.27
CA LEU B 354 -80.18 40.06 34.78
C LEU B 354 -80.21 39.04 35.92
N ALA B 355 -80.78 37.86 35.66
CA ALA B 355 -80.97 36.74 36.62
C ALA B 355 -79.61 36.20 37.07
N GLN B 356 -79.57 35.55 38.24
CA GLN B 356 -78.34 34.90 38.77
C GLN B 356 -78.02 33.65 37.93
N THR B 357 -79.02 32.98 37.36
CA THR B 357 -78.82 31.92 36.34
C THR B 357 -77.90 32.47 35.25
N ILE B 358 -78.27 33.63 34.67
CA ILE B 358 -77.51 34.35 33.61
C ILE B 358 -76.15 34.80 34.17
N LYS B 359 -76.15 35.53 35.30
CA LYS B 359 -74.92 36.12 35.90
C LYS B 359 -73.96 35.00 36.35
N ASP B 360 -74.49 33.86 36.81
CA ASP B 360 -73.66 32.70 37.25
C ASP B 360 -73.04 32.01 36.03
N ARG B 361 -73.80 31.84 34.94
CA ARG B 361 -73.29 31.26 33.67
C ARG B 361 -72.24 32.19 33.08
N PHE B 362 -72.51 33.50 33.07
CA PHE B 362 -71.56 34.56 32.58
C PHE B 362 -70.23 34.45 33.35
N ASN B 363 -70.30 34.33 34.68
CA ASN B 363 -69.11 34.26 35.56
C ASN B 363 -68.36 32.95 35.29
N SER B 364 -69.06 31.81 35.25
CA SER B 364 -68.44 30.47 35.08
C SER B 364 -67.71 30.43 33.73
N GLN B 365 -68.31 31.03 32.69
CA GLN B 365 -67.67 31.12 31.34
C GLN B 365 -66.38 31.92 31.46
N LEU B 366 -66.46 33.15 31.98
CA LEU B 366 -65.28 34.05 32.16
C LEU B 366 -64.20 33.34 32.97
N ALA B 367 -64.58 32.64 34.04
CA ALA B 367 -63.67 31.83 34.89
C ALA B 367 -62.98 30.79 34.01
N LYS B 368 -63.77 29.97 33.32
CA LYS B 368 -63.28 28.85 32.46
C LYS B 368 -62.35 29.40 31.38
N LYS B 369 -62.76 30.48 30.71
CA LYS B 369 -62.04 31.06 29.55
C LYS B 369 -60.71 31.68 30.02
N SER B 370 -60.74 32.55 31.02
CA SER B 370 -59.54 33.20 31.61
C SER B 370 -58.48 32.13 31.94
N LYS B 371 -58.88 31.07 32.65
CA LYS B 371 -57.99 30.00 33.16
C LYS B 371 -57.15 29.43 32.01
N ILE B 372 -57.81 29.05 30.91
CA ILE B 372 -57.17 28.49 29.69
C ILE B 372 -56.24 29.54 29.07
N ILE B 373 -56.66 30.81 28.95
CA ILE B 373 -55.81 31.85 28.31
C ILE B 373 -54.45 31.88 29.03
N THR B 374 -54.45 31.91 30.36
CA THR B 374 -53.20 31.99 31.18
C THR B 374 -52.43 30.68 31.06
N LYS B 375 -53.12 29.54 31.14
CA LYS B 375 -52.50 28.20 30.92
C LYS B 375 -51.78 28.23 29.56
N THR B 376 -52.39 28.85 28.55
CA THR B 376 -51.83 28.92 27.18
C THR B 376 -50.53 29.73 27.21
N PHE B 377 -50.59 30.97 27.70
CA PHE B 377 -49.44 31.89 27.78
C PHE B 377 -48.32 31.28 28.65
N ASN B 378 -48.66 30.68 29.79
CA ASN B 378 -47.67 29.95 30.63
C ASN B 378 -46.93 28.94 29.73
N ILE B 379 -47.66 27.94 29.22
CA ILE B 379 -47.06 26.80 28.46
C ILE B 379 -46.28 27.36 27.25
N ILE B 380 -46.87 28.27 26.46
CA ILE B 380 -46.14 29.03 25.42
C ILE B 380 -44.79 29.45 26.02
N TYR B 381 -44.82 30.18 27.13
CA TYR B 381 -43.62 30.89 27.68
C TYR B 381 -42.61 29.89 28.27
N ARG B 382 -42.99 28.62 28.44
CA ARG B 382 -42.10 27.54 28.97
C ARG B 382 -41.63 26.65 27.81
N ALA B 383 -41.87 27.07 26.56
CA ALA B 383 -41.62 26.28 25.34
C ALA B 383 -40.41 26.85 24.59
N LEU B 384 -39.38 26.02 24.40
CA LEU B 384 -38.06 26.43 23.83
C LEU B 384 -38.22 26.92 22.39
N GLU B 385 -39.17 26.34 21.64
CA GLU B 385 -39.26 26.40 20.16
C GLU B 385 -39.60 27.83 19.68
N PHE B 386 -39.96 28.74 20.58
CA PHE B 386 -40.39 30.13 20.28
C PHE B 386 -39.31 30.87 19.46
N SER B 387 -38.03 30.51 19.64
CA SER B 387 -36.88 31.14 18.94
C SER B 387 -36.84 30.70 17.47
N LEU B 388 -37.32 29.48 17.16
CA LEU B 388 -37.47 28.97 15.76
C LEU B 388 -38.45 29.85 15.00
N LEU B 389 -39.49 30.35 15.68
CA LEU B 389 -40.68 31.01 15.08
C LEU B 389 -40.26 32.19 14.19
N ASP B 390 -40.95 32.35 13.06
CA ASP B 390 -40.84 33.55 12.20
C ASP B 390 -41.11 34.78 13.08
N ALA B 391 -40.34 35.85 12.86
CA ALA B 391 -40.36 37.11 13.65
C ALA B 391 -41.77 37.70 13.68
N GLY B 392 -42.49 37.63 12.55
CA GLY B 392 -43.86 38.13 12.41
C GLY B 392 -44.80 37.50 13.42
N ILE B 393 -44.90 36.18 13.41
CA ILE B 393 -45.97 35.44 14.15
C ILE B 393 -45.64 35.54 15.65
N ALA B 394 -44.37 35.45 16.01
CA ALA B 394 -43.90 35.60 17.41
C ALA B 394 -44.46 36.91 17.98
N LEU B 395 -44.42 37.98 17.20
CA LEU B 395 -44.90 39.32 17.63
C LEU B 395 -46.39 39.31 17.87
N LYS B 396 -47.17 38.62 17.03
CA LYS B 396 -48.65 38.51 17.20
C LYS B 396 -48.90 37.93 18.59
N THR B 397 -48.30 36.77 18.91
CA THR B 397 -48.40 36.16 20.25
C THR B 397 -48.10 37.26 21.28
N ASN B 398 -47.02 38.02 21.07
CA ASN B 398 -46.60 39.04 22.05
C ASN B 398 -47.65 40.16 22.14
N GLU B 399 -48.27 40.55 21.02
CA GLU B 399 -49.36 41.58 21.00
C GLU B 399 -50.51 41.09 21.88
N LEU B 400 -50.91 39.84 21.70
CA LEU B 400 -51.96 39.18 22.52
C LEU B 400 -51.52 39.17 23.98
N ALA B 401 -50.28 38.73 24.26
CA ALA B 401 -49.71 38.65 25.62
C ALA B 401 -49.95 40.00 26.32
N LYS B 402 -49.55 41.10 25.68
CA LYS B 402 -49.66 42.49 26.22
C LYS B 402 -51.11 42.82 26.58
N VAL B 403 -52.08 42.47 25.74
CA VAL B 403 -53.51 42.83 26.00
C VAL B 403 -53.99 42.00 27.19
N TRP B 404 -53.52 40.75 27.30
CA TRP B 404 -53.96 39.81 28.38
C TRP B 404 -53.43 40.30 29.73
N VAL B 405 -52.27 40.95 29.79
CA VAL B 405 -51.72 41.48 31.08
C VAL B 405 -52.62 42.65 31.54
N ASP B 406 -53.28 43.34 30.61
CA ASP B 406 -54.23 44.44 30.91
C ASP B 406 -55.59 43.87 31.33
N LEU B 407 -56.08 42.81 30.68
CA LEU B 407 -57.47 42.31 30.84
C LEU B 407 -57.58 41.35 32.03
N ARG B 408 -56.57 40.52 32.32
CA ARG B 408 -56.63 39.45 33.35
C ARG B 408 -57.00 40.06 34.71
N PRO B 409 -56.38 41.19 35.14
CA PRO B 409 -56.77 41.84 36.39
C PRO B 409 -58.25 42.23 36.41
N LYS B 410 -58.75 42.77 35.29
CA LYS B 410 -60.16 43.18 35.11
C LYS B 410 -61.05 41.93 35.21
N SER B 411 -60.61 40.80 34.66
CA SER B 411 -61.27 39.48 34.82
C SER B 411 -61.21 39.08 36.31
N ASP B 412 -60.03 39.16 36.92
CA ASP B 412 -59.74 38.60 38.28
C ASP B 412 -60.55 39.35 39.34
N GLU B 413 -60.62 40.69 39.28
CA GLU B 413 -61.33 41.53 40.29
C GLU B 413 -62.81 41.11 40.33
N ILE B 414 -63.40 40.78 39.19
CA ILE B 414 -64.84 40.38 39.06
C ILE B 414 -65.05 39.01 39.70
N LEU B 415 -64.14 38.04 39.48
CA LEU B 415 -64.26 36.66 40.02
C LEU B 415 -63.85 36.63 41.50
N LEU B 416 -63.24 37.73 41.99
CA LEU B 416 -62.85 37.97 43.41
C LEU B 416 -64.11 37.89 44.30
N HIS B 417 -65.14 38.66 43.97
CA HIS B 417 -66.40 38.82 44.76
C HIS B 417 -67.15 37.48 44.79
N ILE B 418 -67.18 36.77 43.64
CA ILE B 418 -67.73 35.38 43.52
C ILE B 418 -66.87 34.44 44.38
#